data_7EHG
#
_entry.id   7EHG
#
_cell.length_a   56.237
_cell.length_b   66.145
_cell.length_c   85.669
_cell.angle_alpha   84.153
_cell.angle_beta   89.295
_cell.angle_gamma   89.229
#
_symmetry.space_group_name_H-M   'P 1'
#
loop_
_entity.id
_entity.type
_entity.pdbx_description
1 polymer MiXBM
2 non-polymer GLYCEROL
3 non-polymer 'CALCIUM ION'
4 non-polymer 'SULFATE ION'
5 water water
#
_entity_poly.entity_id   1
_entity_poly.type   'polypeptide(L)'
_entity_poly.pdbx_seq_one_letter_code
;TTAAVSTRLEAEALTASSGVIKSNADASGGQYRIFNAYGVAEQIDYAVPVSHAGAYDLVLGTMRFSDNGTYQLQIDGNDV
GAPVDLFRPSGKVVVVDLGSVTLSAGVHEFTFTAVGKNTSSLGYKLPLDYIQLVSAIE
;
_entity_poly.pdbx_strand_id   A,B,C,D,E,F,G,H
#
loop_
_chem_comp.id
_chem_comp.type
_chem_comp.name
_chem_comp.formula
CA non-polymer 'CALCIUM ION' 'Ca 2'
GOL non-polymer GLYCEROL 'C3 H8 O3'
SO4 non-polymer 'SULFATE ION' 'O4 S -2'
#
# COMPACT_ATOMS: atom_id res chain seq x y z
N THR A 2 -1.78 2.36 -1.41
CA THR A 2 -2.64 1.96 -0.31
C THR A 2 -2.17 0.67 0.38
N ALA A 3 -1.67 0.82 1.61
CA ALA A 3 -1.25 -0.29 2.45
C ALA A 3 -2.21 -0.44 3.62
N ALA A 4 -2.12 -1.60 4.28
CA ALA A 4 -3.02 -1.93 5.39
C ALA A 4 -2.84 -0.97 6.56
N VAL A 5 -3.95 -0.48 7.08
CA VAL A 5 -3.97 0.42 8.23
C VAL A 5 -4.65 -0.30 9.40
N SER A 6 -4.15 -0.03 10.61
CA SER A 6 -4.81 -0.56 11.80
C SER A 6 -6.12 0.20 12.01
N THR A 7 -7.16 -0.52 12.44
CA THR A 7 -8.46 0.11 12.65
C THR A 7 -9.12 -0.43 13.92
N ARG A 8 -9.90 0.44 14.56
CA ARG A 8 -10.77 0.05 15.67
C ARG A 8 -12.22 0.18 15.20
N LEU A 9 -12.98 -0.91 15.34
CA LEU A 9 -14.36 -0.99 14.89
C LEU A 9 -15.24 -1.17 16.12
N GLU A 10 -16.11 -0.20 16.38
CA GLU A 10 -16.92 -0.26 17.59
C GLU A 10 -18.06 -1.27 17.43
N ALA A 11 -18.24 -2.13 18.44
CA ALA A 11 -19.26 -3.17 18.37
C ALA A 11 -20.66 -2.57 18.23
N GLU A 12 -20.88 -1.39 18.80
CA GLU A 12 -22.18 -0.73 18.69
C GLU A 12 -22.41 -0.12 17.31
N ALA A 13 -21.35 0.07 16.52
CA ALA A 13 -21.50 0.64 15.20
C ALA A 13 -21.56 -0.41 14.11
N LEU A 14 -20.89 -1.54 14.31
CA LEU A 14 -20.89 -2.63 13.35
C LEU A 14 -22.29 -3.22 13.17
N THR A 15 -22.56 -3.73 11.99
CA THR A 15 -23.75 -4.55 11.77
C THR A 15 -23.59 -5.89 12.48
N ALA A 16 -24.55 -6.22 13.36
CA ALA A 16 -24.51 -7.43 14.15
C ALA A 16 -25.83 -8.16 14.06
N SER A 17 -25.79 -9.46 14.28
CA SER A 17 -27.01 -10.26 14.13
C SER A 17 -27.98 -10.05 15.29
N SER A 18 -27.50 -9.56 16.43
CA SER A 18 -28.38 -9.21 17.55
C SER A 18 -27.56 -8.33 18.51
N GLY A 19 -27.98 -8.26 19.78
CA GLY A 19 -27.22 -7.49 20.75
C GLY A 19 -27.75 -6.10 21.02
N VAL A 20 -27.79 -5.70 22.29
CA VAL A 20 -28.39 -4.45 22.72
C VAL A 20 -27.29 -3.41 22.92
N ILE A 21 -27.47 -2.24 22.31
CA ILE A 21 -26.51 -1.14 22.43
C ILE A 21 -26.75 -0.40 23.74
N LYS A 22 -25.67 -0.19 24.50
CA LYS A 22 -25.74 0.36 25.84
C LYS A 22 -24.65 1.40 25.97
N SER A 23 -24.87 2.37 26.85
CA SER A 23 -23.88 3.42 27.14
C SER A 23 -23.08 3.07 28.39
N ASN A 24 -21.81 3.46 28.38
CA ASN A 24 -20.97 3.28 29.55
C ASN A 24 -19.78 4.22 29.39
N ALA A 25 -19.52 5.03 30.43
CA ALA A 25 -18.49 6.05 30.34
C ALA A 25 -17.08 5.47 30.21
N ASP A 26 -16.89 4.19 30.50
CA ASP A 26 -15.56 3.59 30.38
C ASP A 26 -15.41 2.72 29.15
N ALA A 27 -16.42 2.69 28.28
CA ALA A 27 -16.34 1.93 27.05
C ALA A 27 -15.74 2.80 25.96
N SER A 28 -15.00 2.17 25.05
CA SER A 28 -14.58 2.85 23.83
C SER A 28 -15.81 3.39 23.11
N GLY A 29 -15.74 4.65 22.70
CA GLY A 29 -16.89 5.29 22.09
C GLY A 29 -18.01 5.64 23.05
N GLY A 30 -17.86 5.33 24.33
CA GLY A 30 -18.94 5.54 25.27
C GLY A 30 -20.09 4.57 25.16
N GLN A 31 -19.94 3.52 24.35
CA GLN A 31 -21.00 2.55 24.15
C GLN A 31 -20.41 1.17 23.94
N TYR A 32 -21.27 0.16 24.12
CA TYR A 32 -20.93 -1.24 23.85
C TYR A 32 -22.19 -1.95 23.38
N ARG A 33 -22.03 -3.19 22.92
CA ARG A 33 -23.16 -3.99 22.46
C ARG A 33 -23.13 -5.31 23.22
N ILE A 34 -24.15 -5.56 24.06
CA ILE A 34 -24.17 -6.77 24.87
C ILE A 34 -25.02 -7.84 24.20
N PHE A 35 -24.44 -9.01 24.03
CA PHE A 35 -25.13 -10.21 23.56
C PHE A 35 -25.59 -10.99 24.78
N ASN A 36 -26.90 -11.04 24.98
CA ASN A 36 -27.50 -11.59 26.20
C ASN A 36 -27.74 -13.09 26.06
N ALA A 37 -26.66 -13.80 25.81
CA ALA A 37 -26.72 -15.26 25.75
C ALA A 37 -27.09 -15.81 27.12
N TYR A 38 -27.90 -16.84 27.14
CA TYR A 38 -28.19 -17.45 28.42
C TYR A 38 -27.63 -18.85 28.54
N GLY A 39 -26.95 -19.35 27.51
CA GLY A 39 -26.31 -20.64 27.60
C GLY A 39 -25.42 -20.89 26.38
N VAL A 40 -24.85 -22.09 26.33
CA VAL A 40 -23.86 -22.37 25.30
C VAL A 40 -24.54 -22.60 23.96
N ALA A 41 -23.74 -22.49 22.89
CA ALA A 41 -24.10 -22.65 21.49
C ALA A 41 -24.91 -21.48 20.94
N GLU A 42 -25.21 -20.46 21.74
CA GLU A 42 -25.79 -19.22 21.22
C GLU A 42 -24.67 -18.36 20.64
N GLN A 43 -24.95 -17.66 19.53
CA GLN A 43 -23.88 -16.93 18.86
C GLN A 43 -24.35 -15.57 18.39
N ILE A 44 -23.40 -14.65 18.26
CA ILE A 44 -23.65 -13.35 17.63
C ILE A 44 -22.66 -13.16 16.49
N ASP A 45 -23.15 -12.67 15.34
CA ASP A 45 -22.34 -12.43 14.15
C ASP A 45 -22.10 -10.94 13.96
N TYR A 46 -20.87 -10.55 13.63
CA TYR A 46 -20.50 -9.19 13.27
C TYR A 46 -19.92 -9.18 11.87
N ALA A 47 -20.30 -8.19 11.06
CA ALA A 47 -19.71 -8.02 9.73
C ALA A 47 -18.52 -7.07 9.88
N VAL A 48 -17.32 -7.54 9.56
CA VAL A 48 -16.09 -6.80 9.84
C VAL A 48 -15.38 -6.50 8.53
N PRO A 49 -15.27 -5.22 8.14
CA PRO A 49 -14.63 -4.88 6.87
C PRO A 49 -13.12 -4.85 6.98
N VAL A 50 -12.46 -5.34 5.93
CA VAL A 50 -11.01 -5.33 5.82
C VAL A 50 -10.72 -4.74 4.45
N SER A 51 -10.18 -3.53 4.41
CA SER A 51 -10.01 -2.88 3.12
C SER A 51 -8.79 -3.39 2.36
N HIS A 52 -7.80 -3.95 3.05
CA HIS A 52 -6.57 -4.43 2.42
C HIS A 52 -6.20 -5.81 2.95
N ALA A 53 -5.94 -6.73 2.02
CA ALA A 53 -5.50 -8.07 2.38
C ALA A 53 -4.17 -7.99 3.11
N GLY A 54 -3.96 -8.91 4.03
CA GLY A 54 -2.70 -8.99 4.72
C GLY A 54 -2.87 -9.60 6.09
N ALA A 55 -1.80 -9.49 6.89
CA ALA A 55 -1.74 -10.08 8.22
C ALA A 55 -2.15 -9.06 9.28
N TYR A 56 -2.93 -9.51 10.25
CA TYR A 56 -3.44 -8.66 11.31
C TYR A 56 -3.36 -9.40 12.64
N ASP A 57 -3.04 -8.63 13.69
CA ASP A 57 -3.19 -9.09 15.06
C ASP A 57 -4.57 -8.66 15.53
N LEU A 58 -5.24 -9.52 16.27
CA LEU A 58 -6.63 -9.33 16.63
C LEU A 58 -6.71 -9.00 18.10
N VAL A 59 -7.40 -7.90 18.42
CA VAL A 59 -7.63 -7.50 19.81
C VAL A 59 -9.12 -7.31 20.00
N LEU A 60 -9.65 -7.88 21.09
CA LEU A 60 -11.03 -7.65 21.50
C LEU A 60 -11.05 -6.81 22.77
N GLY A 61 -11.90 -5.79 22.79
CA GLY A 61 -12.24 -5.08 24.01
C GLY A 61 -13.67 -5.41 24.41
N THR A 62 -13.86 -5.75 25.68
CA THR A 62 -15.18 -5.94 26.25
C THR A 62 -15.33 -5.14 27.55
N MET A 63 -16.57 -5.04 28.03
CA MET A 63 -16.77 -4.60 29.40
C MET A 63 -16.48 -5.73 30.37
N ARG A 64 -16.13 -5.35 31.60
CA ARG A 64 -15.92 -6.32 32.68
C ARG A 64 -17.20 -6.37 33.48
N PHE A 65 -18.01 -7.40 33.25
CA PHE A 65 -19.23 -7.62 34.01
C PHE A 65 -19.16 -9.01 34.64
N SER A 66 -19.88 -9.20 35.74
CA SER A 66 -19.73 -10.46 36.46
C SER A 66 -20.47 -11.62 35.82
N ASP A 67 -21.20 -11.40 34.71
CA ASP A 67 -21.82 -12.50 33.97
C ASP A 67 -21.24 -12.68 32.57
N ASN A 68 -19.98 -12.29 32.36
CA ASN A 68 -19.29 -12.54 31.10
C ASN A 68 -19.04 -14.03 30.92
N GLY A 69 -19.30 -14.52 29.71
CA GLY A 69 -19.08 -15.92 29.38
C GLY A 69 -17.70 -16.18 28.76
N THR A 70 -17.56 -17.40 28.24
CA THR A 70 -16.39 -17.85 27.50
C THR A 70 -16.79 -18.12 26.06
N TYR A 71 -16.04 -17.55 25.10
CA TYR A 71 -16.47 -17.49 23.70
C TYR A 71 -15.42 -18.04 22.74
N GLN A 72 -15.90 -18.76 21.72
CA GLN A 72 -15.06 -19.15 20.59
C GLN A 72 -15.32 -18.17 19.45
N LEU A 73 -14.26 -17.49 19.01
CA LEU A 73 -14.35 -16.65 17.82
C LEU A 73 -14.22 -17.52 16.58
N GLN A 74 -15.08 -17.32 15.57
CA GLN A 74 -14.71 -17.95 14.31
C GLN A 74 -14.67 -16.77 13.33
N ILE A 75 -13.80 -16.81 12.32
CA ILE A 75 -13.84 -15.84 11.22
C ILE A 75 -14.11 -16.58 9.93
N ASP A 76 -15.19 -16.20 9.24
CA ASP A 76 -15.59 -16.90 8.02
C ASP A 76 -15.72 -18.40 8.24
N GLY A 77 -16.20 -18.77 9.43
CA GLY A 77 -16.38 -20.16 9.77
C GLY A 77 -15.16 -20.88 10.29
N ASN A 78 -14.02 -20.20 10.42
CA ASN A 78 -12.78 -20.85 10.86
C ASN A 78 -12.49 -20.46 12.31
N ASP A 79 -12.32 -21.46 13.20
CA ASP A 79 -11.93 -21.16 14.58
C ASP A 79 -10.68 -20.31 14.65
N VAL A 80 -10.74 -19.22 15.42
CA VAL A 80 -9.57 -18.37 15.63
C VAL A 80 -9.34 -18.32 17.13
N GLY A 81 -8.22 -18.90 17.57
CA GLY A 81 -7.81 -18.87 18.95
C GLY A 81 -8.50 -19.92 19.79
N ALA A 82 -7.94 -20.17 20.97
CA ALA A 82 -8.66 -20.94 21.97
C ALA A 82 -9.88 -20.15 22.40
N PRO A 83 -10.88 -20.81 22.99
CA PRO A 83 -11.98 -20.07 23.61
C PRO A 83 -11.46 -19.05 24.60
N VAL A 84 -12.05 -17.86 24.57
CA VAL A 84 -11.59 -16.75 25.40
C VAL A 84 -12.57 -16.54 26.55
N ASP A 85 -12.08 -16.75 27.78
CA ASP A 85 -12.86 -16.55 28.99
C ASP A 85 -12.80 -15.08 29.38
N LEU A 86 -13.94 -14.41 29.36
CA LEU A 86 -13.99 -12.97 29.53
C LEU A 86 -14.34 -12.55 30.95
N PHE A 87 -14.38 -13.49 31.89
CA PHE A 87 -14.56 -13.15 33.29
C PHE A 87 -13.26 -12.61 33.89
N ARG A 88 -13.35 -11.47 34.55
CA ARG A 88 -12.28 -11.01 35.41
C ARG A 88 -12.89 -10.59 36.75
N PRO A 89 -12.12 -10.64 37.83
CA PRO A 89 -12.69 -10.28 39.13
C PRO A 89 -12.84 -8.79 39.35
N SER A 90 -12.15 -7.93 38.61
CA SER A 90 -12.25 -6.50 38.82
C SER A 90 -11.94 -5.77 37.52
N GLY A 91 -12.05 -4.44 37.56
CA GLY A 91 -11.73 -3.59 36.44
C GLY A 91 -12.97 -3.12 35.70
N LYS A 92 -12.75 -2.15 34.80
CA LYS A 92 -13.83 -1.61 33.98
C LYS A 92 -13.99 -2.38 32.68
N VAL A 93 -12.88 -2.77 32.06
CA VAL A 93 -12.88 -3.41 30.75
C VAL A 93 -12.01 -4.65 30.80
N VAL A 94 -12.17 -5.49 29.77
CA VAL A 94 -11.35 -6.66 29.51
C VAL A 94 -10.82 -6.51 28.09
N VAL A 95 -9.51 -6.64 27.92
CA VAL A 95 -8.87 -6.55 26.61
C VAL A 95 -8.09 -7.84 26.40
N VAL A 96 -8.32 -8.50 25.26
CA VAL A 96 -7.71 -9.80 25.01
C VAL A 96 -7.09 -9.84 23.62
N ASP A 97 -5.93 -10.49 23.53
CA ASP A 97 -5.21 -10.66 22.27
C ASP A 97 -5.57 -12.03 21.70
N LEU A 98 -6.10 -12.04 20.49
CA LEU A 98 -6.54 -13.27 19.86
C LEU A 98 -5.54 -13.78 18.82
N GLY A 99 -4.33 -13.25 18.81
CA GLY A 99 -3.31 -13.75 17.92
C GLY A 99 -3.43 -13.16 16.52
N SER A 100 -2.74 -13.78 15.58
CA SER A 100 -2.66 -13.25 14.23
C SER A 100 -3.45 -14.10 13.24
N VAL A 101 -3.88 -13.44 12.15
CA VAL A 101 -4.51 -14.10 11.02
C VAL A 101 -4.07 -13.40 9.75
N THR A 102 -4.29 -14.06 8.62
CA THR A 102 -4.29 -13.41 7.33
C THR A 102 -5.75 -13.23 6.90
N LEU A 103 -6.10 -12.02 6.48
CA LEU A 103 -7.45 -11.68 6.05
C LEU A 103 -7.40 -11.12 4.64
N SER A 104 -8.27 -11.63 3.77
CA SER A 104 -8.44 -11.07 2.44
C SER A 104 -9.16 -9.73 2.53
N ALA A 105 -9.12 -8.99 1.42
CA ALA A 105 -9.92 -7.77 1.30
C ALA A 105 -11.38 -8.12 1.14
N GLY A 106 -12.24 -7.47 1.92
CA GLY A 106 -13.67 -7.73 1.86
C GLY A 106 -14.28 -7.68 3.24
N VAL A 107 -15.56 -8.05 3.36
CA VAL A 107 -16.24 -8.04 4.66
C VAL A 107 -16.33 -9.47 5.16
N HIS A 108 -15.81 -9.70 6.36
CA HIS A 108 -15.68 -11.01 6.96
C HIS A 108 -16.73 -11.19 8.04
N GLU A 109 -17.15 -12.43 8.27
CA GLU A 109 -18.07 -12.73 9.37
C GLU A 109 -17.27 -13.13 10.60
N PHE A 110 -17.32 -12.31 11.65
CA PHE A 110 -16.77 -12.62 12.95
C PHE A 110 -17.90 -13.16 13.81
N THR A 111 -17.87 -14.46 14.11
CA THR A 111 -18.92 -15.10 14.89
C THR A 111 -18.40 -15.38 16.29
N PHE A 112 -19.14 -14.97 17.31
CA PHE A 112 -18.76 -15.23 18.70
C PHE A 112 -19.77 -16.23 19.24
N THR A 113 -19.31 -17.45 19.53
CA THR A 113 -20.19 -18.49 20.05
C THR A 113 -19.89 -18.73 21.52
N ALA A 114 -20.92 -18.65 22.35
CA ALA A 114 -20.74 -18.98 23.77
C ALA A 114 -20.48 -20.48 23.91
N VAL A 115 -19.35 -20.84 24.51
CA VAL A 115 -19.00 -22.25 24.69
C VAL A 115 -18.91 -22.66 26.16
N GLY A 116 -19.05 -21.72 27.09
CA GLY A 116 -19.00 -22.05 28.50
C GLY A 116 -18.89 -20.77 29.30
N LYS A 117 -18.55 -20.90 30.58
CA LYS A 117 -18.29 -19.72 31.40
C LYS A 117 -17.37 -20.10 32.54
N ASN A 118 -16.67 -19.10 33.08
CA ASN A 118 -15.87 -19.31 34.28
C ASN A 118 -16.75 -19.77 35.41
N THR A 119 -16.22 -20.63 36.27
CA THR A 119 -17.01 -21.07 37.42
C THR A 119 -17.40 -19.90 38.31
N SER A 120 -16.59 -18.84 38.33
CA SER A 120 -16.93 -17.66 39.10
C SER A 120 -17.97 -16.77 38.42
N SER A 121 -18.22 -16.98 37.12
CA SER A 121 -19.14 -16.10 36.39
C SER A 121 -20.60 -16.47 36.62
N LEU A 122 -21.44 -15.45 36.62
CA LEU A 122 -22.89 -15.62 36.74
C LEU A 122 -23.59 -15.84 35.39
N GLY A 123 -22.88 -15.81 34.26
CA GLY A 123 -23.60 -15.98 33.02
C GLY A 123 -22.68 -16.16 31.82
N TYR A 124 -23.29 -16.01 30.64
CA TYR A 124 -22.71 -16.46 29.38
C TYR A 124 -22.60 -15.30 28.39
N LYS A 125 -22.66 -14.06 28.87
CA LYS A 125 -22.93 -12.92 27.99
C LYS A 125 -21.64 -12.35 27.39
N LEU A 126 -21.81 -11.58 26.32
CA LEU A 126 -20.68 -10.95 25.63
C LEU A 126 -20.95 -9.46 25.51
N PRO A 127 -20.44 -8.64 26.44
CA PRO A 127 -20.57 -7.18 26.30
C PRO A 127 -19.43 -6.61 25.46
N LEU A 128 -19.50 -6.82 24.13
CA LEU A 128 -18.38 -6.45 23.26
C LEU A 128 -18.32 -4.93 23.10
N ASP A 129 -17.11 -4.38 23.21
CA ASP A 129 -16.88 -2.93 23.12
C ASP A 129 -16.38 -2.56 21.73
N TYR A 130 -15.36 -3.27 21.26
CA TYR A 130 -14.78 -3.01 19.95
C TYR A 130 -13.97 -4.20 19.52
N ILE A 131 -13.73 -4.26 18.20
CA ILE A 131 -12.80 -5.19 17.59
C ILE A 131 -11.69 -4.36 16.99
N GLN A 132 -10.44 -4.69 17.29
CA GLN A 132 -9.33 -3.88 16.81
C GLN A 132 -8.44 -4.76 15.93
N LEU A 133 -8.26 -4.35 14.67
CA LEU A 133 -7.38 -5.02 13.73
C LEU A 133 -6.06 -4.26 13.66
N VAL A 134 -4.95 -4.91 14.04
CA VAL A 134 -3.65 -4.27 14.13
C VAL A 134 -2.81 -4.80 12.96
N SER A 135 -2.41 -3.90 12.07
CA SER A 135 -1.71 -4.34 10.84
C SER A 135 -0.31 -4.86 11.14
N ALA B 3 47.78 5.03 -10.43
CA ALA B 3 48.18 4.00 -9.47
C ALA B 3 47.16 3.85 -8.35
N ALA B 4 47.21 2.70 -7.68
CA ALA B 4 46.29 2.40 -6.59
C ALA B 4 46.51 3.33 -5.41
N VAL B 5 45.41 3.87 -4.88
CA VAL B 5 45.45 4.75 -3.73
C VAL B 5 44.72 4.06 -2.57
N SER B 6 45.21 4.31 -1.35
CA SER B 6 44.51 3.79 -0.17
C SER B 6 43.21 4.57 0.04
N THR B 7 42.17 3.87 0.49
CA THR B 7 40.87 4.50 0.69
C THR B 7 40.20 3.96 1.95
N ARG B 8 39.42 4.83 2.59
CA ARG B 8 38.56 4.43 3.71
C ARG B 8 37.11 4.56 3.25
N LEU B 9 36.35 3.48 3.38
CA LEU B 9 34.97 3.39 2.92
C LEU B 9 34.08 3.22 4.15
N GLU B 10 33.24 4.20 4.43
CA GLU B 10 32.41 4.13 5.62
C GLU B 10 31.28 3.12 5.47
N ALA B 11 31.10 2.27 6.49
CA ALA B 11 30.07 1.22 6.40
C ALA B 11 28.67 1.82 6.26
N GLU B 12 28.45 3.00 6.83
CA GLU B 12 27.15 3.66 6.73
C GLU B 12 26.91 4.26 5.34
N ALA B 13 27.97 4.46 4.56
CA ALA B 13 27.83 5.03 3.23
C ALA B 13 27.77 3.98 2.13
N LEU B 14 28.43 2.84 2.34
CA LEU B 14 28.43 1.75 1.37
C LEU B 14 27.03 1.17 1.21
N THR B 15 26.76 0.65 0.01
CA THR B 15 25.58 -0.17 -0.20
C THR B 15 25.74 -1.51 0.51
N ALA B 16 24.80 -1.83 1.39
CA ALA B 16 24.84 -3.05 2.19
C ALA B 16 23.51 -3.77 2.09
N SER B 17 23.55 -5.08 2.30
CA SER B 17 22.33 -5.87 2.16
C SER B 17 21.36 -5.66 3.32
N SER B 18 21.82 -5.16 4.46
CA SER B 18 20.95 -4.81 5.59
C SER B 18 21.76 -3.92 6.54
N GLY B 19 21.34 -3.86 7.81
CA GLY B 19 22.11 -3.09 8.78
C GLY B 19 21.57 -1.70 9.05
N VAL B 20 21.54 -1.31 10.32
CA VAL B 20 20.94 -0.05 10.75
C VAL B 20 22.04 0.99 10.95
N ILE B 21 21.87 2.15 10.33
CA ILE B 21 22.83 3.25 10.46
C ILE B 21 22.58 3.97 11.77
N LYS B 22 23.65 4.20 12.53
CA LYS B 22 23.57 4.75 13.87
C LYS B 22 24.67 5.78 14.01
N SER B 23 24.44 6.77 14.89
CA SER B 23 25.42 7.81 15.18
C SER B 23 26.24 7.47 16.42
N ASN B 24 27.51 7.85 16.41
CA ASN B 24 28.36 7.68 17.57
C ASN B 24 29.55 8.62 17.42
N ALA B 25 29.81 9.41 18.47
CA ALA B 25 30.84 10.43 18.38
C ALA B 25 32.24 9.85 18.25
N ASP B 26 32.44 8.57 18.54
CA ASP B 26 33.78 7.98 18.41
C ASP B 26 33.92 7.11 17.18
N ALA B 27 32.92 7.09 16.32
CA ALA B 27 32.99 6.34 15.07
C ALA B 27 33.59 7.21 13.99
N SER B 28 34.33 6.57 13.08
CA SER B 28 34.74 7.25 11.86
C SER B 28 33.51 7.77 11.14
N GLY B 29 33.58 9.04 10.72
CA GLY B 29 32.42 9.66 10.11
C GLY B 29 31.31 10.01 11.07
N GLY B 30 31.48 9.72 12.36
CA GLY B 30 30.40 9.94 13.30
C GLY B 30 29.25 8.97 13.18
N GLN B 31 29.40 7.91 12.39
CA GLN B 31 28.33 6.95 12.17
C GLN B 31 28.91 5.55 11.96
N TYR B 32 28.05 4.55 12.15
CA TYR B 32 28.39 3.17 11.87
C TYR B 32 27.13 2.45 11.40
N ARG B 33 27.29 1.20 10.95
CA ARG B 33 26.17 0.40 10.49
C ARG B 33 26.19 -0.92 11.25
N ILE B 34 25.18 -1.17 12.09
CA ILE B 34 25.17 -2.38 12.90
C ILE B 34 24.30 -3.45 12.23
N PHE B 35 24.89 -4.63 12.07
CA PHE B 35 24.21 -5.82 11.58
C PHE B 35 23.74 -6.61 12.80
N ASN B 36 22.43 -6.64 13.00
CA ASN B 36 21.82 -7.18 14.21
C ASN B 36 21.58 -8.69 14.07
N ALA B 37 22.67 -9.40 13.84
CA ALA B 37 22.60 -10.86 13.78
C ALA B 37 22.24 -11.42 15.14
N TYR B 38 21.43 -12.45 15.19
N TYR B 38 21.40 -12.46 15.12
CA TYR B 38 21.19 -13.05 16.49
CA TYR B 38 20.93 -13.15 16.31
C TYR B 38 21.70 -14.48 16.57
C TYR B 38 21.70 -14.44 16.55
N GLY B 39 22.37 -14.97 15.54
CA GLY B 39 23.03 -16.26 15.64
C GLY B 39 23.91 -16.51 14.42
N VAL B 40 24.49 -17.71 14.36
CA VAL B 40 25.48 -17.98 13.33
C VAL B 40 24.81 -18.20 11.99
N ALA B 41 25.59 -18.09 10.92
CA ALA B 41 25.22 -18.26 9.52
C ALA B 41 24.41 -17.10 8.95
N GLU B 42 24.11 -16.08 9.76
CA GLU B 42 23.55 -14.84 9.25
C GLU B 42 24.66 -13.98 8.67
N GLN B 43 24.38 -13.27 7.56
CA GLN B 43 25.45 -12.54 6.89
C GLN B 43 24.98 -11.18 6.42
N ILE B 44 25.94 -10.25 6.28
CA ILE B 44 25.69 -8.96 5.65
C ILE B 44 26.68 -8.77 4.51
N ASP B 45 26.19 -8.28 3.36
CA ASP B 45 27.00 -8.05 2.17
C ASP B 45 27.22 -6.55 1.98
N TYR B 46 28.46 -6.18 1.65
CA TYR B 46 28.82 -4.81 1.29
C TYR B 46 29.42 -4.79 -0.11
N ALA B 47 29.02 -3.80 -0.92
CA ALA B 47 29.63 -3.61 -2.24
C ALA B 47 30.81 -2.66 -2.09
N VAL B 48 32.01 -3.12 -2.41
CA VAL B 48 33.24 -2.41 -2.12
C VAL B 48 33.94 -2.11 -3.44
N PRO B 49 34.08 -0.84 -3.82
CA PRO B 49 34.71 -0.49 -5.10
C PRO B 49 36.23 -0.46 -4.98
N VAL B 50 36.89 -0.96 -6.02
CA VAL B 50 38.33 -0.96 -6.15
C VAL B 50 38.61 -0.37 -7.52
N SER B 51 39.14 0.85 -7.56
CA SER B 51 39.31 1.51 -8.85
C SER B 51 40.52 0.99 -9.61
N HIS B 52 41.54 0.46 -8.91
CA HIS B 52 42.76 -0.01 -9.54
C HIS B 52 43.12 -1.40 -9.02
N ALA B 53 43.38 -2.31 -9.95
CA ALA B 53 43.83 -3.65 -9.58
C ALA B 53 45.16 -3.58 -8.84
N GLY B 54 45.36 -4.51 -7.93
CA GLY B 54 46.63 -4.59 -7.24
C GLY B 54 46.46 -5.22 -5.87
N ALA B 55 47.53 -5.12 -5.09
CA ALA B 55 47.58 -5.70 -3.75
C ALA B 55 47.18 -4.68 -2.69
N TYR B 56 46.39 -5.12 -1.72
CA TYR B 56 45.89 -4.28 -0.66
C TYR B 56 45.97 -5.00 0.67
N ASP B 57 46.30 -4.25 1.71
CA ASP B 57 46.14 -4.69 3.10
C ASP B 57 44.76 -4.26 3.56
N LEU B 58 44.09 -5.14 4.30
CA LEU B 58 42.70 -4.94 4.65
C LEU B 58 42.61 -4.61 6.12
N VAL B 59 41.92 -3.52 6.45
CA VAL B 59 41.70 -3.11 7.84
C VAL B 59 40.20 -2.94 8.04
N LEU B 60 39.68 -3.50 9.13
CA LEU B 60 38.31 -3.28 9.53
C LEU B 60 38.28 -2.44 10.80
N GLY B 61 37.42 -1.42 10.82
CA GLY B 61 37.08 -0.72 12.04
C GLY B 61 35.63 -1.02 12.42
N THR B 62 35.43 -1.34 13.70
CA THR B 62 34.11 -1.55 14.28
C THR B 62 33.99 -0.76 15.58
N MET B 63 32.75 -0.62 16.07
CA MET B 63 32.56 -0.19 17.45
C MET B 63 32.85 -1.34 18.42
N ARG B 64 33.22 -0.96 19.63
CA ARG B 64 33.43 -1.92 20.72
C ARG B 64 32.13 -1.98 21.53
N PHE B 65 31.32 -3.01 21.28
CA PHE B 65 30.10 -3.24 22.04
C PHE B 65 30.18 -4.62 22.66
N SER B 66 29.45 -4.82 23.77
CA SER B 66 29.60 -6.07 24.51
C SER B 66 28.86 -7.24 23.86
N ASP B 67 28.13 -7.03 22.75
CA ASP B 67 27.50 -8.12 22.01
C ASP B 67 28.08 -8.30 20.61
N ASN B 68 29.34 -7.90 20.38
CA ASN B 68 30.02 -8.15 19.12
C ASN B 68 30.27 -9.64 18.94
N GLY B 69 30.01 -10.14 17.74
CA GLY B 69 30.25 -11.53 17.41
C GLY B 69 31.62 -11.79 16.79
N THR B 70 31.77 -13.01 16.28
CA THR B 70 32.94 -13.45 15.53
C THR B 70 32.54 -13.74 14.09
N TYR B 71 33.28 -13.16 13.13
CA TYR B 71 32.85 -13.12 11.73
C TYR B 71 33.91 -13.67 10.78
N GLN B 72 33.44 -14.36 9.74
CA GLN B 72 34.27 -14.77 8.61
C GLN B 72 34.01 -13.79 7.48
N LEU B 73 35.06 -13.11 7.02
CA LEU B 73 34.96 -12.27 5.84
C LEU B 73 35.10 -13.14 4.60
N GLN B 74 34.22 -12.95 3.58
CA GLN B 74 34.61 -13.58 2.32
C GLN B 74 34.67 -12.39 1.36
N ILE B 75 35.54 -12.45 0.36
CA ILE B 75 35.49 -11.47 -0.73
C ILE B 75 35.23 -12.21 -2.04
N ASP B 76 34.16 -11.83 -2.74
CA ASP B 76 33.76 -12.52 -3.96
C ASP B 76 33.62 -14.02 -3.72
N GLY B 77 33.12 -14.39 -2.55
CA GLY B 77 32.94 -15.78 -2.21
C GLY B 77 34.15 -16.49 -1.68
N ASN B 78 35.30 -15.81 -1.55
CA ASN B 78 36.53 -16.46 -1.10
C ASN B 78 36.84 -16.07 0.34
N ASP B 79 36.99 -17.07 1.22
CA ASP B 79 37.39 -16.79 2.60
C ASP B 79 38.64 -15.93 2.67
N VAL B 80 38.58 -14.85 3.44
CA VAL B 80 39.75 -14.00 3.66
C VAL B 80 39.99 -13.95 5.15
N GLY B 81 41.10 -14.52 5.59
CA GLY B 81 41.52 -14.49 6.97
C GLY B 81 40.81 -15.54 7.82
N ALA B 82 41.39 -15.79 8.99
CA ALA B 82 40.67 -16.56 10.00
C ALA B 82 39.45 -15.77 10.43
N PRO B 83 38.44 -16.43 11.02
CA PRO B 83 37.35 -15.69 11.64
C PRO B 83 37.87 -14.66 12.63
N VAL B 84 37.28 -13.47 12.61
CA VAL B 84 37.76 -12.36 13.43
C VAL B 84 36.78 -12.15 14.58
N ASP B 85 37.27 -12.35 15.80
CA ASP B 85 36.48 -12.17 17.01
C ASP B 85 36.54 -10.69 17.39
N LEU B 86 35.39 -10.02 17.39
CA LEU B 86 35.34 -8.58 17.56
C LEU B 86 34.98 -8.17 18.98
N PHE B 87 34.95 -9.11 19.92
CA PHE B 87 34.76 -8.76 21.33
C PHE B 87 36.05 -8.22 21.91
N ARG B 88 35.97 -7.06 22.56
CA ARG B 88 37.04 -6.60 23.43
C ARG B 88 36.44 -6.20 24.75
N PRO B 89 37.21 -6.24 25.85
CA PRO B 89 36.62 -5.88 27.15
C PRO B 89 36.49 -4.39 27.37
N SER B 90 37.18 -3.53 26.63
CA SER B 90 37.09 -2.09 26.87
C SER B 90 37.39 -1.37 25.57
N GLY B 91 37.29 -0.04 25.60
CA GLY B 91 37.61 0.80 24.47
C GLY B 91 36.37 1.27 23.74
N LYS B 92 36.59 2.24 22.84
CA LYS B 92 35.50 2.77 22.02
C LYS B 92 35.33 2.01 20.72
N VAL B 93 36.44 1.60 20.09
CA VAL B 93 36.44 0.97 18.79
C VAL B 93 37.32 -0.28 18.82
N VAL B 94 37.17 -1.10 17.80
CA VAL B 94 38.00 -2.27 17.54
C VAL B 94 38.53 -2.14 16.12
N VAL B 95 39.84 -2.24 15.96
CA VAL B 95 40.47 -2.17 14.64
C VAL B 95 41.25 -3.45 14.43
N VAL B 96 41.01 -4.12 13.30
CA VAL B 96 41.62 -5.42 13.04
C VAL B 96 42.25 -5.44 11.65
N ASP B 97 43.40 -6.09 11.56
CA ASP B 97 44.11 -6.28 10.30
C ASP B 97 43.72 -7.64 9.72
N LEU B 98 43.20 -7.64 8.51
CA LEU B 98 42.76 -8.88 7.88
C LEU B 98 43.77 -9.40 6.85
N GLY B 99 44.99 -8.87 6.85
CA GLY B 99 46.01 -9.38 5.96
C GLY B 99 45.88 -8.77 4.57
N SER B 100 46.56 -9.38 3.61
CA SER B 100 46.65 -8.85 2.26
C SER B 100 45.89 -9.71 1.27
N VAL B 101 45.45 -9.06 0.18
CA VAL B 101 44.82 -9.72 -0.95
C VAL B 101 45.26 -9.01 -2.23
N THR B 102 45.06 -9.68 -3.34
CA THR B 102 45.03 -9.02 -4.64
C THR B 102 43.57 -8.83 -5.07
N LEU B 103 43.23 -7.62 -5.49
CA LEU B 103 41.89 -7.28 -5.92
C LEU B 103 41.93 -6.71 -7.33
N SER B 104 41.07 -7.24 -8.20
CA SER B 104 40.89 -6.68 -9.53
C SER B 104 40.17 -5.34 -9.43
N ALA B 105 40.20 -4.60 -10.54
CA ALA B 105 39.40 -3.38 -10.65
C ALA B 105 37.94 -3.73 -10.82
N GLY B 106 37.08 -3.09 -10.05
CA GLY B 106 35.65 -3.34 -10.12
C GLY B 106 35.06 -3.28 -8.73
N VAL B 107 33.79 -3.65 -8.61
CA VAL B 107 33.10 -3.64 -7.32
C VAL B 107 33.00 -5.08 -6.83
N HIS B 108 33.52 -5.31 -5.63
CA HIS B 108 33.65 -6.62 -5.02
C HIS B 108 32.60 -6.80 -3.93
N GLU B 109 32.19 -8.04 -3.69
CA GLU B 109 31.27 -8.33 -2.60
C GLU B 109 32.05 -8.75 -1.35
N PHE B 110 31.99 -7.94 -0.31
CA PHE B 110 32.56 -8.23 1.00
C PHE B 110 31.42 -8.78 1.85
N THR B 111 31.44 -10.08 2.13
CA THR B 111 30.40 -10.71 2.92
C THR B 111 30.93 -11.00 4.32
N PHE B 112 30.19 -10.59 5.34
CA PHE B 112 30.57 -10.84 6.73
C PHE B 112 29.57 -11.84 7.27
N THR B 113 30.03 -13.06 7.57
CA THR B 113 29.14 -14.10 8.07
C THR B 113 29.43 -14.34 9.55
N ALA B 114 28.39 -14.27 10.38
CA ALA B 114 28.58 -14.60 11.80
C ALA B 114 28.84 -16.10 11.94
N VAL B 115 29.97 -16.46 12.54
CA VAL B 115 30.32 -17.87 12.72
C VAL B 115 30.42 -18.27 14.19
N GLY B 116 30.30 -17.34 15.12
CA GLY B 116 30.32 -17.67 16.54
C GLY B 116 30.43 -16.39 17.33
N LYS B 117 30.79 -16.52 18.62
CA LYS B 117 31.06 -15.33 19.44
C LYS B 117 31.97 -15.71 20.58
N ASN B 118 32.66 -14.71 21.12
CA ASN B 118 33.47 -14.92 22.30
C ASN B 118 32.58 -15.38 23.45
N THR B 119 33.10 -16.25 24.30
CA THR B 119 32.31 -16.69 25.44
C THR B 119 31.94 -15.51 26.35
N SER B 120 32.75 -14.45 26.34
CA SER B 120 32.40 -13.26 27.12
C SER B 120 31.36 -12.38 26.43
N SER B 121 31.10 -12.60 25.14
CA SER B 121 30.19 -11.72 24.41
C SER B 121 28.73 -12.08 24.65
N LEU B 122 27.89 -11.05 24.65
CA LEU B 122 26.46 -11.22 24.78
C LEU B 122 25.75 -11.45 23.43
N GLY B 123 26.45 -11.42 22.30
CA GLY B 123 25.74 -11.59 21.06
C GLY B 123 26.66 -11.76 19.86
N TYR B 124 26.04 -11.61 18.68
CA TYR B 124 26.62 -12.06 17.42
C TYR B 124 26.74 -10.91 16.42
N LYS B 125 26.66 -9.66 16.89
CA LYS B 125 26.40 -8.53 16.01
C LYS B 125 27.69 -7.95 15.41
N LEU B 126 27.52 -7.19 14.34
CA LEU B 126 28.65 -6.55 13.65
C LEU B 126 28.38 -5.07 13.54
N PRO B 127 28.88 -4.25 14.47
CA PRO B 127 28.75 -2.78 14.33
C PRO B 127 29.90 -2.22 13.48
N LEU B 128 29.83 -2.44 12.16
CA LEU B 128 30.94 -2.06 11.28
C LEU B 128 31.00 -0.54 11.12
N ASP B 129 32.22 0.01 11.25
CA ASP B 129 32.44 1.45 11.16
C ASP B 129 32.95 1.82 9.77
N TYR B 130 33.97 1.10 9.30
CA TYR B 130 34.54 1.37 7.98
C TYR B 130 35.36 0.17 7.54
N ILE B 131 35.60 0.12 6.23
CA ILE B 131 36.53 -0.82 5.60
C ILE B 131 37.64 0.03 5.01
N GLN B 132 38.89 -0.29 5.32
CA GLN B 132 40.01 0.51 4.85
C GLN B 132 40.90 -0.37 3.97
N LEU B 133 41.09 0.05 2.72
CA LEU B 133 41.95 -0.62 1.76
C LEU B 133 43.27 0.13 1.68
N VAL B 134 44.37 -0.51 2.08
CA VAL B 134 45.69 0.13 2.14
C VAL B 134 46.52 -0.41 0.97
N SER B 135 46.94 0.49 0.08
CA SER B 135 47.61 0.07 -1.14
C SER B 135 49.05 -0.41 -0.92
N ALA C 3 -9.39 -29.58 19.06
CA ALA C 3 -7.98 -29.94 19.17
C ALA C 3 -7.28 -29.97 17.82
N ALA C 4 -6.02 -29.55 17.84
CA ALA C 4 -5.12 -29.70 16.71
C ALA C 4 -5.09 -31.14 16.23
N VAL C 5 -5.00 -31.31 14.90
CA VAL C 5 -4.87 -32.60 14.25
C VAL C 5 -3.65 -32.55 13.35
N SER C 6 -2.74 -33.52 13.50
CA SER C 6 -1.45 -33.40 12.83
C SER C 6 -1.64 -33.56 11.32
N THR C 7 -0.89 -32.76 10.55
CA THR C 7 -1.01 -32.81 9.10
C THR C 7 0.34 -32.57 8.44
N ARG C 8 0.53 -33.14 7.24
CA ARG C 8 1.70 -32.87 6.42
C ARG C 8 1.22 -32.22 5.12
N LEU C 9 1.83 -31.10 4.76
CA LEU C 9 1.47 -30.34 3.58
C LEU C 9 2.69 -30.33 2.66
N GLU C 10 2.53 -30.85 1.45
CA GLU C 10 3.67 -30.95 0.55
C GLU C 10 3.94 -29.60 -0.10
N ALA C 11 5.20 -29.19 -0.14
CA ALA C 11 5.52 -27.87 -0.68
C ALA C 11 5.11 -27.75 -2.13
N GLU C 12 5.16 -28.86 -2.88
CA GLU C 12 4.80 -28.85 -4.29
C GLU C 12 3.30 -28.73 -4.48
N ALA C 13 2.51 -28.92 -3.41
CA ALA C 13 1.06 -28.83 -3.49
C ALA C 13 0.53 -27.49 -3.00
N LEU C 14 1.38 -26.65 -2.43
CA LEU C 14 0.95 -25.35 -1.91
C LEU C 14 1.09 -24.25 -2.97
N THR C 15 0.22 -23.25 -2.90
CA THR C 15 0.41 -22.04 -3.68
C THR C 15 1.58 -21.25 -3.13
N ALA C 16 2.49 -20.83 -4.01
CA ALA C 16 3.73 -20.15 -3.60
C ALA C 16 4.05 -19.04 -4.58
N SER C 17 4.78 -18.04 -4.07
CA SER C 17 5.12 -16.86 -4.86
C SER C 17 6.19 -17.13 -5.90
N SER C 18 6.94 -18.23 -5.75
CA SER C 18 7.87 -18.69 -6.78
C SER C 18 8.33 -20.10 -6.44
N GLY C 19 9.51 -20.50 -6.92
CA GLY C 19 9.99 -21.84 -6.64
C GLY C 19 9.56 -22.83 -7.70
N VAL C 20 10.44 -23.80 -7.97
CA VAL C 20 10.27 -24.74 -9.08
C VAL C 20 9.98 -26.13 -8.52
N ILE C 21 8.93 -26.77 -9.02
CA ILE C 21 8.61 -28.14 -8.61
C ILE C 21 9.54 -29.12 -9.33
N LYS C 22 10.11 -30.03 -8.55
CA LYS C 22 11.10 -31.00 -9.01
C LYS C 22 10.78 -32.36 -8.41
N SER C 23 11.18 -33.42 -9.11
CA SER C 23 10.99 -34.78 -8.62
C SER C 23 12.27 -35.27 -7.96
N ASN C 24 12.11 -36.10 -6.92
CA ASN C 24 13.24 -36.74 -6.27
C ASN C 24 12.73 -37.94 -5.50
N ALA C 25 13.37 -39.10 -5.69
CA ALA C 25 12.85 -40.34 -5.14
C ALA C 25 12.93 -40.39 -3.63
N ASP C 26 13.67 -39.48 -3.00
CA ASP C 26 13.78 -39.46 -1.55
C ASP C 26 13.02 -38.31 -0.91
N ALA C 27 12.25 -37.57 -1.69
CA ALA C 27 11.39 -36.53 -1.17
C ALA C 27 10.04 -37.11 -0.76
N SER C 28 9.45 -36.54 0.30
CA SER C 28 8.06 -36.81 0.62
C SER C 28 7.17 -36.49 -0.57
N GLY C 29 6.30 -37.44 -0.95
CA GLY C 29 5.52 -37.26 -2.15
C GLY C 29 6.29 -37.46 -3.45
N GLY C 30 7.58 -37.74 -3.39
CA GLY C 30 8.34 -37.85 -4.62
C GLY C 30 8.67 -36.53 -5.28
N GLN C 31 8.38 -35.40 -4.63
CA GLN C 31 8.60 -34.08 -5.22
C GLN C 31 8.93 -33.07 -4.13
N TYR C 32 9.51 -31.95 -4.56
CA TYR C 32 9.79 -30.81 -3.68
C TYR C 32 9.68 -29.53 -4.50
N ARG C 33 9.71 -28.39 -3.83
CA ARG C 33 9.68 -27.08 -4.49
C ARG C 33 10.92 -26.30 -4.07
N ILE C 34 11.82 -26.02 -5.02
CA ILE C 34 13.08 -25.36 -4.69
C ILE C 34 12.98 -23.87 -5.03
N PHE C 35 13.23 -23.05 -4.02
CA PHE C 35 13.30 -21.60 -4.21
C PHE C 35 14.75 -21.30 -4.56
N ASN C 36 14.98 -20.84 -5.80
CA ASN C 36 16.33 -20.64 -6.34
C ASN C 36 16.86 -19.26 -5.98
N ALA C 37 17.01 -19.04 -4.68
CA ALA C 37 17.57 -17.79 -4.18
C ALA C 37 19.05 -17.75 -4.43
N TYR C 38 19.55 -16.57 -4.78
CA TYR C 38 20.96 -16.41 -5.08
C TYR C 38 21.66 -15.45 -4.14
N GLY C 39 20.98 -14.98 -3.09
CA GLY C 39 21.62 -14.12 -2.10
C GLY C 39 20.64 -13.84 -0.98
N VAL C 40 21.14 -13.13 0.04
CA VAL C 40 20.27 -12.83 1.18
C VAL C 40 19.18 -11.87 0.76
N ALA C 41 18.14 -11.78 1.60
CA ALA C 41 16.96 -10.92 1.53
C ALA C 41 15.92 -11.43 0.55
N GLU C 42 16.24 -12.40 -0.31
CA GLU C 42 15.24 -13.01 -1.18
C GLU C 42 14.24 -13.81 -0.34
N GLN C 43 12.97 -13.83 -0.76
CA GLN C 43 11.91 -14.42 0.04
C GLN C 43 10.99 -15.24 -0.85
N ILE C 44 10.42 -16.31 -0.27
CA ILE C 44 9.34 -17.06 -0.90
C ILE C 44 8.17 -17.10 0.06
N ASP C 45 6.97 -16.82 -0.45
CA ASP C 45 5.75 -16.82 0.34
C ASP C 45 4.91 -18.04 -0.04
N TYR C 46 4.41 -18.75 0.97
CA TYR C 46 3.55 -19.91 0.79
C TYR C 46 2.20 -19.66 1.45
N ALA C 47 1.13 -20.10 0.77
CA ALA C 47 -0.20 -20.12 1.37
C ALA C 47 -0.39 -21.48 2.03
N VAL C 48 -0.52 -21.49 3.36
CA VAL C 48 -0.54 -22.74 4.11
C VAL C 48 -1.91 -22.89 4.75
N PRO C 49 -2.75 -23.82 4.28
CA PRO C 49 -4.06 -24.03 4.91
C PRO C 49 -3.94 -24.91 6.15
N VAL C 50 -4.61 -24.49 7.23
CA VAL C 50 -4.64 -25.22 8.49
C VAL C 50 -6.09 -25.62 8.73
N SER C 51 -6.35 -26.92 8.76
CA SER C 51 -7.73 -27.37 8.87
C SER C 51 -8.28 -27.22 10.29
N HIS C 52 -7.43 -27.31 11.31
CA HIS C 52 -7.90 -27.28 12.70
C HIS C 52 -7.08 -26.28 13.50
N ALA C 53 -7.77 -25.36 14.17
CA ALA C 53 -7.09 -24.41 15.04
C ALA C 53 -6.42 -25.15 16.18
N GLY C 54 -5.27 -24.66 16.63
CA GLY C 54 -4.65 -25.24 17.80
C GLY C 54 -3.17 -24.93 17.86
N ALA C 55 -2.52 -25.53 18.86
CA ALA C 55 -1.07 -25.42 19.04
C ALA C 55 -0.41 -26.61 18.34
N TYR C 56 0.70 -26.35 17.67
CA TYR C 56 1.36 -27.33 16.83
C TYR C 56 2.87 -27.17 16.98
N ASP C 57 3.60 -28.28 16.95
CA ASP C 57 5.03 -28.15 16.70
C ASP C 57 5.28 -28.12 15.21
N LEU C 58 6.11 -27.19 14.76
CA LEU C 58 6.32 -26.90 13.35
C LEU C 58 7.58 -27.61 12.89
N VAL C 59 7.43 -28.52 11.94
CA VAL C 59 8.56 -29.26 11.39
C VAL C 59 8.67 -28.94 9.91
N LEU C 60 9.90 -28.67 9.45
CA LEU C 60 10.20 -28.47 8.03
C LEU C 60 11.02 -29.65 7.53
N GLY C 61 10.60 -30.21 6.39
CA GLY C 61 11.41 -31.16 5.67
C GLY C 61 11.94 -30.50 4.42
N THR C 62 13.24 -30.64 4.19
CA THR C 62 13.89 -30.15 2.98
C THR C 62 14.77 -31.24 2.41
N MET C 63 15.14 -31.10 1.14
CA MET C 63 16.20 -31.92 0.57
C MET C 63 17.56 -31.48 1.10
N ARG C 64 18.51 -32.40 1.12
CA ARG C 64 19.88 -32.09 1.52
C ARG C 64 20.67 -31.87 0.24
N PHE C 65 20.89 -30.61 -0.12
CA PHE C 65 21.76 -30.24 -1.23
C PHE C 65 22.86 -29.32 -0.72
N SER C 66 23.97 -29.30 -1.47
CA SER C 66 25.16 -28.56 -1.05
C SER C 66 25.01 -27.04 -1.14
N ASP C 67 23.95 -26.54 -1.77
CA ASP C 67 23.72 -25.10 -1.83
C ASP C 67 22.51 -24.65 -1.02
N ASN C 68 22.14 -25.39 0.05
CA ASN C 68 21.06 -24.96 0.95
C ASN C 68 21.47 -23.71 1.73
N GLY C 69 20.52 -22.77 1.85
CA GLY C 69 20.75 -21.55 2.60
C GLY C 69 20.28 -21.61 4.06
N THR C 70 20.38 -20.47 4.72
CA THR C 70 19.90 -20.25 6.07
C THR C 70 18.70 -19.32 6.00
N TYR C 71 17.57 -19.71 6.64
CA TYR C 71 16.30 -19.02 6.45
C TYR C 71 15.63 -18.63 7.76
N GLN C 72 14.99 -17.46 7.74
CA GLN C 72 14.08 -17.04 8.80
C GLN C 72 12.65 -17.24 8.31
N LEU C 73 11.86 -17.98 9.10
CA LEU C 73 10.44 -18.13 8.83
C LEU C 73 9.62 -17.07 9.55
N GLN C 74 8.63 -16.52 8.85
CA GLN C 74 7.56 -15.72 9.45
C GLN C 74 6.22 -16.36 9.12
N ILE C 75 5.32 -16.38 10.08
CA ILE C 75 3.93 -16.75 9.84
C ILE C 75 3.08 -15.54 10.12
N ASP C 76 2.28 -15.13 9.13
CA ASP C 76 1.43 -13.94 9.24
C ASP C 76 2.21 -12.75 9.77
N GLY C 77 3.44 -12.59 9.29
CA GLY C 77 4.27 -11.46 9.67
C GLY C 77 5.01 -11.57 10.99
N ASN C 78 4.90 -12.68 11.71
CA ASN C 78 5.62 -12.89 12.97
C ASN C 78 6.74 -13.89 12.78
N ASP C 79 7.95 -13.53 13.20
CA ASP C 79 9.06 -14.48 13.27
C ASP C 79 8.66 -15.74 14.02
N VAL C 80 9.00 -16.88 13.45
CA VAL C 80 8.79 -18.17 14.09
C VAL C 80 10.14 -18.87 14.13
N GLY C 81 10.66 -19.06 15.34
CA GLY C 81 11.95 -19.72 15.49
C GLY C 81 13.12 -18.81 15.20
N ALA C 82 14.31 -19.26 15.53
CA ALA C 82 15.51 -18.59 15.07
C ALA C 82 15.75 -18.95 13.62
N PRO C 83 16.65 -18.23 12.93
CA PRO C 83 17.06 -18.66 11.59
C PRO C 83 17.56 -20.09 11.62
N VAL C 84 17.22 -20.85 10.58
CA VAL C 84 17.54 -22.27 10.53
C VAL C 84 18.52 -22.50 9.38
N ASP C 85 19.69 -23.02 9.72
CA ASP C 85 20.70 -23.35 8.72
C ASP C 85 20.36 -24.73 8.16
N LEU C 86 20.04 -24.79 6.88
CA LEU C 86 19.59 -26.03 6.26
C LEU C 86 20.73 -26.79 5.57
N PHE C 87 21.97 -26.33 5.74
CA PHE C 87 23.11 -27.06 5.23
C PHE C 87 23.46 -28.24 6.14
N ARG C 88 23.69 -29.40 5.54
CA ARG C 88 24.27 -30.55 6.22
C ARG C 88 25.33 -31.14 5.30
N PRO C 89 26.34 -31.81 5.87
CA PRO C 89 27.40 -32.38 5.00
C PRO C 89 26.97 -33.60 4.22
N SER C 90 25.87 -34.26 4.61
CA SER C 90 25.53 -35.54 4.01
C SER C 90 24.07 -35.84 4.32
N GLY C 91 23.58 -36.91 3.68
CA GLY C 91 22.22 -37.35 3.87
C GLY C 91 21.33 -36.98 2.68
N LYS C 92 20.12 -37.53 2.69
CA LYS C 92 19.17 -37.28 1.62
C LYS C 92 18.30 -36.06 1.89
N VAL C 93 17.89 -35.88 3.14
CA VAL C 93 16.93 -34.86 3.53
C VAL C 93 17.45 -34.18 4.79
N VAL C 94 16.85 -33.04 5.11
CA VAL C 94 17.12 -32.27 6.33
C VAL C 94 15.77 -31.98 6.96
N VAL C 95 15.61 -32.37 8.23
CA VAL C 95 14.35 -32.18 8.95
C VAL C 95 14.66 -31.37 10.19
N VAL C 96 13.94 -30.28 10.40
CA VAL C 96 14.20 -29.37 11.51
C VAL C 96 12.90 -29.03 12.22
N ASP C 97 13.00 -28.84 13.53
CA ASP C 97 11.84 -28.53 14.36
C ASP C 97 11.96 -27.07 14.76
N LEU C 98 10.96 -26.26 14.39
CA LEU C 98 10.98 -24.84 14.69
C LEU C 98 10.25 -24.49 15.99
N GLY C 99 9.77 -25.48 16.72
CA GLY C 99 9.10 -25.18 17.97
C GLY C 99 7.60 -25.04 17.78
N SER C 100 6.95 -24.55 18.84
N SER C 100 6.95 -24.55 18.84
CA SER C 100 5.50 -24.50 18.86
CA SER C 100 5.50 -24.47 18.89
C SER C 100 4.98 -23.19 18.28
C SER C 100 5.00 -23.18 18.26
N VAL C 101 3.85 -23.28 17.59
CA VAL C 101 3.12 -22.14 17.05
C VAL C 101 1.64 -22.40 17.31
N THR C 102 0.87 -21.34 17.49
CA THR C 102 -0.58 -21.46 17.60
C THR C 102 -1.21 -20.88 16.34
N LEU C 103 -2.01 -21.69 15.67
CA LEU C 103 -2.53 -21.35 14.36
C LEU C 103 -4.05 -21.44 14.36
N SER C 104 -4.69 -20.39 13.87
CA SER C 104 -6.12 -20.47 13.60
C SER C 104 -6.37 -21.41 12.44
N ALA C 105 -7.61 -21.89 12.34
CA ALA C 105 -8.02 -22.55 11.11
C ALA C 105 -8.04 -21.53 9.97
N GLY C 106 -7.72 -22.00 8.76
CA GLY C 106 -7.72 -21.13 7.59
C GLY C 106 -6.34 -21.03 6.98
N VAL C 107 -6.21 -20.10 6.02
CA VAL C 107 -4.99 -19.96 5.24
C VAL C 107 -4.05 -18.96 5.91
N HIS C 108 -2.78 -19.34 6.06
CA HIS C 108 -1.77 -18.48 6.67
C HIS C 108 -0.68 -18.19 5.65
N GLU C 109 -0.01 -17.06 5.80
CA GLU C 109 1.14 -16.75 4.96
C GLU C 109 2.41 -17.19 5.67
N PHE C 110 3.11 -18.16 5.09
CA PHE C 110 4.41 -18.61 5.58
C PHE C 110 5.45 -17.95 4.69
N THR C 111 6.28 -17.09 5.23
CA THR C 111 7.29 -16.40 4.44
C THR C 111 8.69 -16.84 4.87
N PHE C 112 9.47 -17.35 3.92
CA PHE C 112 10.83 -17.80 4.18
C PHE C 112 11.78 -16.79 3.56
N THR C 113 12.62 -16.16 4.39
CA THR C 113 13.59 -15.18 3.91
C THR C 113 15.01 -15.70 4.10
N ALA C 114 15.82 -15.67 3.04
CA ALA C 114 17.21 -16.06 3.14
C ALA C 114 17.95 -15.00 3.94
N VAL C 115 18.60 -15.41 5.03
CA VAL C 115 19.35 -14.49 5.87
C VAL C 115 20.84 -14.78 5.86
N GLY C 116 21.27 -15.82 5.16
CA GLY C 116 22.68 -16.13 5.06
C GLY C 116 22.87 -17.54 4.55
N LYS C 117 24.05 -18.09 4.85
CA LYS C 117 24.31 -19.48 4.54
C LYS C 117 25.50 -19.94 5.37
N ASN C 118 25.56 -21.26 5.59
CA ASN C 118 26.74 -21.87 6.18
C ASN C 118 27.98 -21.57 5.33
N THR C 119 29.12 -21.31 5.98
CA THR C 119 30.31 -21.03 5.19
C THR C 119 30.73 -22.21 4.31
N SER C 120 30.27 -23.42 4.61
CA SER C 120 30.52 -24.56 3.72
C SER C 120 29.49 -24.71 2.61
N SER C 121 28.38 -23.98 2.67
CA SER C 121 27.34 -24.09 1.65
C SER C 121 27.72 -23.35 0.38
N LEU C 122 27.27 -23.87 -0.75
CA LEU C 122 27.51 -23.24 -2.04
C LEU C 122 26.46 -22.19 -2.40
N GLY C 123 25.42 -22.01 -1.59
CA GLY C 123 24.36 -21.12 -2.00
C GLY C 123 23.28 -20.94 -0.96
N TYR C 124 22.16 -20.36 -1.42
CA TYR C 124 21.15 -19.76 -0.56
C TYR C 124 19.78 -20.38 -0.76
N LYS C 125 19.69 -21.54 -1.40
CA LYS C 125 18.42 -22.04 -1.91
C LYS C 125 17.62 -22.71 -0.80
N LEU C 126 16.32 -22.85 -1.06
CA LEU C 126 15.43 -23.53 -0.12
C LEU C 126 14.70 -24.65 -0.83
N PRO C 127 15.23 -25.89 -0.81
CA PRO C 127 14.52 -27.01 -1.48
C PRO C 127 13.48 -27.62 -0.55
N LEU C 128 12.37 -26.90 -0.37
CA LEU C 128 11.38 -27.28 0.64
C LEU C 128 10.61 -28.52 0.16
N ASP C 129 10.55 -29.55 1.01
CA ASP C 129 9.84 -30.79 0.70
C ASP C 129 8.42 -30.79 1.26
N TYR C 130 8.26 -30.41 2.53
CA TYR C 130 6.95 -30.41 3.16
C TYR C 130 7.01 -29.58 4.43
N ILE C 131 5.82 -29.22 4.91
CA ILE C 131 5.60 -28.57 6.20
C ILE C 131 4.74 -29.52 7.02
N GLN C 132 5.22 -29.92 8.19
CA GLN C 132 4.50 -30.86 9.05
C GLN C 132 4.07 -30.14 10.32
N LEU C 133 2.77 -30.14 10.59
CA LEU C 133 2.20 -29.52 11.77
C LEU C 133 1.84 -30.65 12.71
N VAL C 134 2.60 -30.78 13.80
CA VAL C 134 2.43 -31.88 14.76
C VAL C 134 1.61 -31.36 15.93
N SER C 135 0.48 -31.99 16.18
CA SER C 135 -0.41 -31.55 17.24
C SER C 135 0.28 -31.65 18.60
N ALA C 136 0.34 -30.54 19.32
CA ALA C 136 1.13 -30.48 20.56
C ALA C 136 0.28 -30.82 21.78
N ALA D 3 -27.82 14.33 40.76
CA ALA D 3 -27.96 12.94 40.38
C ALA D 3 -27.17 12.66 39.09
N ALA D 4 -25.88 13.03 39.14
CA ALA D 4 -24.98 12.86 38.02
C ALA D 4 -24.96 11.41 37.53
N VAL D 5 -24.77 11.25 36.21
CA VAL D 5 -24.64 9.96 35.55
C VAL D 5 -23.42 10.02 34.66
N SER D 6 -22.51 9.06 34.81
CA SER D 6 -21.22 9.16 34.13
C SER D 6 -21.41 9.00 32.62
N THR D 7 -20.67 9.79 31.85
CA THR D 7 -20.79 9.73 30.41
C THR D 7 -19.44 9.97 29.74
N ARG D 8 -19.25 9.38 28.55
CA ARG D 8 -18.09 9.65 27.72
C ARG D 8 -18.55 10.31 26.43
N LEU D 9 -17.95 11.44 26.08
CA LEU D 9 -18.30 12.21 24.90
C LEU D 9 -17.08 12.22 23.98
N GLU D 10 -17.24 11.70 22.77
CA GLU D 10 -16.10 11.59 21.86
C GLU D 10 -15.84 12.94 21.20
N ALA D 11 -14.56 13.35 21.17
CA ALA D 11 -14.26 14.68 20.64
C ALA D 11 -14.67 14.79 19.18
N GLU D 12 -14.61 13.68 18.45
CA GLU D 12 -14.99 13.67 17.04
C GLU D 12 -16.50 13.80 16.85
N ALA D 13 -17.28 13.61 17.92
CA ALA D 13 -18.73 13.71 17.86
C ALA D 13 -19.26 15.05 18.33
N LEU D 14 -18.40 15.89 18.90
CA LEU D 14 -18.84 17.19 19.41
C LEU D 14 -18.69 18.27 18.35
N THR D 15 -19.57 19.27 18.40
CA THR D 15 -19.38 20.49 17.63
C THR D 15 -18.21 21.28 18.18
N ALA D 16 -17.29 21.71 17.29
CA ALA D 16 -16.06 22.37 17.71
C ALA D 16 -15.73 23.50 16.73
N SER D 17 -15.02 24.50 17.25
CA SER D 17 -14.67 25.69 16.47
C SER D 17 -13.61 25.41 15.42
N SER D 18 -12.85 24.33 15.56
CA SER D 18 -11.91 23.86 14.55
C SER D 18 -11.46 22.45 14.89
N GLY D 19 -10.29 22.04 14.41
CA GLY D 19 -9.80 20.70 14.69
C GLY D 19 -10.21 19.69 13.64
N VAL D 20 -9.34 18.72 13.35
CA VAL D 20 -9.55 17.80 12.24
C VAL D 20 -9.79 16.41 12.81
N ILE D 21 -10.84 15.75 12.33
CA ILE D 21 -11.17 14.41 12.74
C ILE D 21 -10.25 13.45 12.00
N LYS D 22 -9.61 12.56 12.77
CA LYS D 22 -8.67 11.54 12.30
C LYS D 22 -9.04 10.19 12.90
N SER D 23 -8.62 9.12 12.20
CA SER D 23 -8.80 7.77 12.71
C SER D 23 -7.51 7.29 13.35
N ASN D 24 -7.66 6.46 14.38
CA ASN D 24 -6.53 5.81 15.03
C ASN D 24 -7.06 4.60 15.80
N ALA D 25 -6.42 3.44 15.61
CA ALA D 25 -6.93 2.19 16.17
C ALA D 25 -6.86 2.15 17.69
N ASP D 26 -6.10 3.06 18.30
CA ASP D 26 -6.00 3.08 19.76
C ASP D 26 -6.74 4.25 20.39
N ALA D 27 -7.53 4.97 19.62
CA ALA D 27 -8.41 6.01 20.14
C ALA D 27 -9.75 5.43 20.54
N SER D 28 -10.34 6.00 21.59
CA SER D 28 -11.74 5.73 21.91
C SER D 28 -12.63 6.05 20.72
N GLY D 29 -13.50 5.10 20.36
CA GLY D 29 -14.27 5.28 19.14
C GLY D 29 -13.50 5.10 17.85
N GLY D 30 -12.21 4.81 17.92
CA GLY D 30 -11.44 4.70 16.69
C GLY D 30 -11.11 6.01 16.03
N GLN D 31 -11.41 7.15 16.68
CA GLN D 31 -11.18 8.46 16.10
C GLN D 31 -10.84 9.47 17.19
N TYR D 32 -10.26 10.59 16.76
CA TYR D 32 -9.98 11.73 17.64
C TYR D 32 -10.11 13.00 16.81
N ARG D 33 -10.06 14.15 17.50
CA ARG D 33 -10.09 15.45 16.83
C ARG D 33 -8.85 16.23 17.25
N ILE D 34 -7.95 16.52 16.30
CA ILE D 34 -6.69 17.18 16.62
C ILE D 34 -6.80 18.66 16.29
N PHE D 35 -6.55 19.50 17.29
CA PHE D 35 -6.48 20.94 17.10
C PHE D 35 -5.03 21.25 16.75
N ASN D 36 -4.81 21.71 15.51
CA ASN D 36 -3.45 21.90 14.98
C ASN D 36 -2.92 23.28 15.34
N ALA D 37 -2.75 23.51 16.64
CA ALA D 37 -2.21 24.76 17.12
C ALA D 37 -0.71 24.80 16.87
N TYR D 38 -0.23 25.97 16.49
CA TYR D 38 1.19 26.13 16.22
C TYR D 38 1.89 27.08 17.18
N GLY D 39 1.20 27.55 18.22
CA GLY D 39 1.83 28.39 19.22
C GLY D 39 0.87 28.67 20.34
N VAL D 40 1.36 29.41 21.34
CA VAL D 40 0.51 29.71 22.49
C VAL D 40 -0.60 30.67 22.07
N ALA D 41 -1.63 30.74 22.92
CA ALA D 41 -2.80 31.61 22.86
C ALA D 41 -3.84 31.11 21.86
N GLU D 42 -3.52 30.14 21.02
CA GLU D 42 -4.52 29.53 20.14
C GLU D 42 -5.49 28.72 20.97
N GLN D 43 -6.76 28.68 20.56
CA GLN D 43 -7.77 28.04 21.38
C GLN D 43 -8.79 27.32 20.49
N ILE D 44 -9.36 26.25 21.05
CA ILE D 44 -10.44 25.50 20.40
C ILE D 44 -11.62 25.44 21.36
N ASP D 45 -12.82 25.72 20.86
CA ASP D 45 -14.04 25.71 21.64
C ASP D 45 -14.87 24.50 21.27
N TYR D 46 -15.38 23.79 22.28
CA TYR D 46 -16.24 22.64 22.11
C TYR D 46 -17.59 22.88 22.76
N ALA D 47 -18.66 22.44 22.10
CA ALA D 47 -19.99 22.42 22.68
C ALA D 47 -20.18 21.06 23.36
N VAL D 48 -20.29 21.05 24.68
CA VAL D 48 -20.32 19.80 25.43
C VAL D 48 -21.70 19.66 26.07
N PRO D 49 -22.52 18.71 25.61
CA PRO D 49 -23.84 18.50 26.23
C PRO D 49 -23.72 17.62 27.47
N VAL D 50 -24.39 18.04 28.54
CA VAL D 50 -24.43 17.32 29.81
C VAL D 50 -25.88 16.92 30.06
N SER D 51 -26.15 15.62 30.06
CA SER D 51 -27.52 15.17 30.20
C SER D 51 -28.06 15.32 31.61
N HIS D 52 -27.21 15.22 32.63
CA HIS D 52 -27.67 15.25 34.02
C HIS D 52 -26.85 16.25 34.82
N ALA D 53 -27.53 17.18 35.48
CA ALA D 53 -26.86 18.13 36.34
C ALA D 53 -26.21 17.39 37.51
N GLY D 54 -25.05 17.87 37.93
CA GLY D 54 -24.42 17.29 39.10
C GLY D 54 -22.94 17.61 39.16
N ALA D 55 -22.30 17.02 40.16
CA ALA D 55 -20.86 17.12 40.35
C ALA D 55 -20.20 15.94 39.66
N TYR D 56 -19.07 16.19 38.99
CA TYR D 56 -18.41 15.21 38.16
C TYR D 56 -16.91 15.37 38.30
N ASP D 57 -16.18 14.27 38.26
CA ASP D 57 -14.75 14.39 38.01
C ASP D 57 -14.50 14.42 36.51
N LEU D 58 -13.68 15.36 36.07
CA LEU D 58 -13.46 15.65 34.65
C LEU D 58 -12.20 14.93 34.20
N VAL D 59 -12.35 14.03 33.24
CA VAL D 59 -11.22 13.28 32.70
C VAL D 59 -11.10 13.59 31.22
N LEU D 60 -9.89 13.86 30.76
CA LEU D 60 -9.59 14.05 29.35
C LEU D 60 -8.77 12.87 28.84
N GLY D 61 -9.18 12.32 27.71
CA GLY D 61 -8.37 11.36 26.97
C GLY D 61 -7.84 12.03 25.72
N THR D 62 -6.54 11.90 25.50
CA THR D 62 -5.90 12.39 24.29
C THR D 62 -5.02 11.29 23.72
N MET D 63 -4.64 11.46 22.45
CA MET D 63 -3.58 10.63 21.88
C MET D 63 -2.22 11.07 22.39
N ARG D 64 -1.27 10.12 22.43
CA ARG D 64 0.10 10.44 22.81
C ARG D 64 0.90 10.65 21.53
N PHE D 65 1.13 11.91 21.19
CA PHE D 65 1.98 12.28 20.08
C PHE D 65 3.08 13.20 20.58
N SER D 66 4.18 13.23 19.82
CA SER D 66 5.38 13.97 20.24
C SER D 66 5.22 15.48 20.15
N ASP D 67 4.16 16.00 19.54
CA ASP D 67 3.95 17.44 19.48
C ASP D 67 2.72 17.90 20.29
N ASN D 68 2.36 17.16 21.34
CA ASN D 68 1.27 17.59 22.24
C ASN D 68 1.67 18.83 23.03
N GLY D 69 0.73 19.78 23.16
CA GLY D 69 0.96 20.99 23.92
C GLY D 69 0.49 20.92 25.36
N THR D 70 0.60 22.07 26.03
CA THR D 70 0.11 22.28 27.40
C THR D 70 -1.09 23.22 27.33
N TYR D 71 -2.20 22.84 27.97
CA TYR D 71 -3.48 23.52 27.77
C TYR D 71 -4.14 23.92 29.08
N GLN D 72 -4.77 25.10 29.06
CA GLN D 72 -5.70 25.51 30.10
C GLN D 72 -7.13 25.31 29.61
N LEU D 73 -7.92 24.57 30.39
CA LEU D 73 -9.35 24.40 30.12
C LEU D 73 -10.16 25.46 30.85
N GLN D 74 -11.16 26.01 30.16
CA GLN D 74 -12.20 26.81 30.77
C GLN D 74 -13.55 26.19 30.43
N ILE D 75 -14.46 26.16 31.40
CA ILE D 75 -15.85 25.80 31.15
C ILE D 75 -16.70 27.00 31.44
N ASP D 76 -17.49 27.42 30.44
CA ASP D 76 -18.35 28.60 30.54
C ASP D 76 -17.55 29.80 31.08
N GLY D 77 -16.32 29.96 30.60
CA GLY D 77 -15.51 31.08 30.97
C GLY D 77 -14.76 30.98 32.29
N ASN D 78 -14.88 29.86 33.02
CA ASN D 78 -14.15 29.65 34.27
C ASN D 78 -13.03 28.65 34.09
N ASP D 79 -11.81 29.02 34.51
CA ASP D 79 -10.71 28.06 34.59
C ASP D 79 -11.13 26.81 35.33
N VAL D 80 -10.80 25.66 34.76
CA VAL D 80 -10.98 24.38 35.41
C VAL D 80 -9.63 23.69 35.44
N GLY D 81 -9.11 23.48 36.65
CA GLY D 81 -7.83 22.82 36.81
C GLY D 81 -6.65 23.73 36.51
N ALA D 82 -5.46 23.28 36.86
CA ALA D 82 -4.26 23.95 36.39
C ALA D 82 -4.02 23.59 34.93
N PRO D 83 -3.13 24.32 34.24
CA PRO D 83 -2.72 23.88 32.90
C PRO D 83 -2.23 22.45 32.92
N VAL D 84 -2.56 21.70 31.88
CA VAL D 84 -2.23 20.29 31.83
C VAL D 84 -1.27 20.05 30.67
N ASP D 85 -0.09 19.53 31.01
CA ASP D 85 0.92 19.20 30.01
C ASP D 85 0.59 17.82 29.46
N LEU D 86 0.25 17.76 28.17
CA LEU D 86 -0.20 16.51 27.56
C LEU D 86 0.95 15.76 26.88
N PHE D 87 2.19 16.22 27.05
CA PHE D 87 3.34 15.48 26.55
C PHE D 87 3.68 14.31 27.45
N ARG D 88 3.90 13.14 26.85
CA ARG D 88 4.50 12.01 27.53
C ARG D 88 5.56 11.40 26.61
N PRO D 89 6.57 10.74 27.17
CA PRO D 89 7.62 10.17 26.31
C PRO D 89 7.17 8.96 25.51
N SER D 90 6.10 8.28 25.92
CA SER D 90 5.75 7.00 25.32
C SER D 90 4.29 6.69 25.62
N GLY D 91 3.80 5.60 25.03
CA GLY D 91 2.44 5.16 25.20
C GLY D 91 1.57 5.52 24.01
N LYS D 92 0.37 4.97 23.97
CA LYS D 92 -0.58 5.31 22.92
C LYS D 92 -1.45 6.53 23.24
N VAL D 93 -1.88 6.67 24.48
CA VAL D 93 -2.85 7.68 24.87
C VAL D 93 -2.34 8.36 26.13
N VAL D 94 -2.93 9.51 26.43
CA VAL D 94 -2.66 10.27 27.64
C VAL D 94 -4.01 10.55 28.28
N VAL D 95 -4.16 10.17 29.53
CA VAL D 95 -5.42 10.35 30.25
C VAL D 95 -5.12 11.15 31.51
N VAL D 96 -5.85 12.25 31.70
CA VAL D 96 -5.58 13.17 32.81
C VAL D 96 -6.87 13.50 33.54
N ASP D 97 -6.77 13.68 34.85
CA ASP D 97 -7.92 14.01 35.70
C ASP D 97 -7.80 15.48 36.07
N LEU D 98 -8.80 16.27 35.67
CA LEU D 98 -8.81 17.70 36.00
C LEU D 98 -9.56 18.02 37.28
N GLY D 99 -10.04 17.02 38.00
CA GLY D 99 -10.69 17.29 39.26
C GLY D 99 -12.18 17.50 39.11
N SER D 100 -12.77 18.06 40.17
CA SER D 100 -14.22 18.14 40.25
C SER D 100 -14.76 19.41 39.59
N VAL D 101 -15.90 19.27 38.93
CA VAL D 101 -16.66 20.38 38.38
C VAL D 101 -18.14 20.12 38.64
N THR D 102 -18.92 21.18 38.81
CA THR D 102 -20.36 21.07 38.92
C THR D 102 -20.99 21.65 37.67
N LEU D 103 -21.80 20.85 36.99
CA LEU D 103 -22.31 21.19 35.67
C LEU D 103 -23.83 21.11 35.66
N SER D 104 -24.47 22.16 35.18
CA SER D 104 -25.89 22.09 34.91
C SER D 104 -26.14 21.13 33.75
N ALA D 105 -27.38 20.65 33.65
CA ALA D 105 -27.80 19.99 32.43
C ALA D 105 -27.82 21.00 31.28
N GLY D 106 -27.49 20.55 30.08
CA GLY D 106 -27.48 21.42 28.92
C GLY D 106 -26.11 21.51 28.29
N VAL D 107 -25.98 22.44 27.34
CA VAL D 107 -24.76 22.58 26.55
C VAL D 107 -23.83 23.59 27.21
N HIS D 108 -22.57 23.20 27.39
CA HIS D 108 -21.56 24.07 27.98
C HIS D 108 -20.46 24.35 26.95
N GLU D 109 -19.80 25.50 27.10
CA GLU D 109 -18.65 25.80 26.27
C GLU D 109 -17.38 25.35 26.99
N PHE D 110 -16.67 24.39 26.40
CA PHE D 110 -15.37 23.93 26.88
C PHE D 110 -14.32 24.58 25.98
N THR D 111 -13.49 25.45 26.53
CA THR D 111 -12.49 26.14 25.74
C THR D 111 -11.11 25.69 26.17
N PHE D 112 -10.32 25.20 25.22
CA PHE D 112 -8.96 24.74 25.48
C PHE D 112 -8.00 25.74 24.85
N THR D 113 -7.16 26.36 25.69
CA THR D 113 -6.19 27.34 25.21
C THR D 113 -4.77 26.82 25.41
N ALA D 114 -3.97 26.87 24.35
CA ALA D 114 -2.56 26.49 24.45
C ALA D 114 -1.84 27.56 25.24
N VAL D 115 -1.17 27.15 26.34
CA VAL D 115 -0.43 28.07 27.18
C VAL D 115 1.06 27.78 27.16
N GLY D 116 1.50 26.72 26.47
CA GLY D 116 2.91 26.43 26.37
C GLY D 116 3.10 25.01 25.87
N LYS D 117 4.28 24.46 26.17
CA LYS D 117 4.53 23.06 25.87
C LYS D 117 5.73 22.60 26.69
N ASN D 118 5.78 21.29 26.90
CA ASN D 118 6.97 20.66 27.48
C ASN D 118 8.19 20.96 26.64
N THR D 119 9.34 21.22 27.28
CA THR D 119 10.55 21.51 26.52
C THR D 119 10.97 20.33 25.63
N SER D 120 10.50 19.11 25.92
CA SER D 120 10.75 17.98 25.03
C SER D 120 9.71 17.83 23.93
N SER D 121 8.60 18.56 23.99
CA SER D 121 7.56 18.44 22.97
C SER D 121 7.93 19.20 21.71
N LEU D 122 7.48 18.67 20.57
CA LEU D 122 7.72 19.30 19.28
C LEU D 122 6.65 20.33 18.91
N GLY D 123 5.61 20.51 19.72
CA GLY D 123 4.55 21.40 19.29
C GLY D 123 3.49 21.60 20.34
N TYR D 124 2.37 22.17 19.88
CA TYR D 124 1.37 22.78 20.74
C TYR D 124 -0.01 22.16 20.55
N LYS D 125 -0.08 21.01 19.91
CA LYS D 125 -1.36 20.51 19.40
C LYS D 125 -2.16 19.84 20.51
N LEU D 126 -3.46 19.70 20.25
CA LEU D 126 -4.35 19.01 21.19
C LEU D 126 -5.08 17.88 20.46
N PRO D 127 -4.56 16.65 20.49
CA PRO D 127 -5.26 15.52 19.83
C PRO D 127 -6.30 14.91 20.76
N LEU D 128 -7.40 15.63 20.94
CA LEU D 128 -8.39 15.25 21.95
C LEU D 128 -9.19 14.02 21.48
N ASP D 129 -9.24 12.99 22.31
CA ASP D 129 -9.94 11.74 22.01
C ASP D 129 -11.37 11.76 22.57
N TYR D 130 -11.52 12.12 23.84
CA TYR D 130 -12.83 12.14 24.47
C TYR D 130 -12.77 12.96 25.75
N ILE D 131 -13.95 13.33 26.23
CA ILE D 131 -14.17 13.98 27.52
C ILE D 131 -15.04 13.04 28.34
N GLN D 132 -14.55 12.62 29.50
CA GLN D 132 -15.28 11.68 30.36
C GLN D 132 -15.71 12.41 31.62
N LEU D 133 -17.01 12.41 31.89
CA LEU D 133 -17.59 13.02 33.08
C LEU D 133 -17.94 11.87 34.03
N VAL D 134 -17.18 11.75 35.12
CA VAL D 134 -17.34 10.66 36.08
C VAL D 134 -18.16 11.16 37.25
N SER D 135 -19.29 10.53 37.51
CA SER D 135 -20.18 10.98 38.56
C SER D 135 -19.47 10.91 39.91
N ALA D 136 -19.47 12.03 40.64
CA ALA D 136 -18.53 12.25 41.76
C ALA D 136 -18.76 11.31 42.95
N THR E 1 36.55 -13.06 -37.61
CA THR E 1 35.25 -13.23 -36.96
C THR E 1 35.32 -13.07 -35.43
N THR E 2 34.32 -12.36 -34.91
CA THR E 2 34.20 -12.05 -33.50
C THR E 2 33.41 -13.13 -32.76
N ALA E 3 33.49 -13.08 -31.42
CA ALA E 3 32.90 -14.13 -30.61
C ALA E 3 31.38 -14.08 -30.64
N ALA E 4 30.75 -15.23 -30.39
CA ALA E 4 29.30 -15.28 -30.26
C ALA E 4 28.90 -14.59 -28.97
N VAL E 5 28.02 -13.58 -29.07
CA VAL E 5 27.54 -12.85 -27.90
C VAL E 5 26.01 -12.90 -27.88
N SER E 6 25.46 -12.64 -26.70
CA SER E 6 24.02 -12.62 -26.53
C SER E 6 23.40 -11.52 -27.37
N THR E 7 22.19 -11.77 -27.86
CA THR E 7 21.50 -10.80 -28.69
C THR E 7 20.00 -10.86 -28.41
N ARG E 8 19.33 -9.72 -28.53
CA ARG E 8 17.88 -9.63 -28.40
C ARG E 8 17.32 -9.17 -29.73
N LEU E 9 16.36 -9.93 -30.26
CA LEU E 9 15.72 -9.68 -31.54
C LEU E 9 14.26 -9.35 -31.29
N GLU E 10 13.84 -8.15 -31.65
CA GLU E 10 12.48 -7.75 -31.36
C GLU E 10 11.54 -8.41 -32.35
N ALA E 11 10.41 -8.92 -31.85
CA ALA E 11 9.47 -9.60 -32.74
C ALA E 11 8.93 -8.65 -33.81
N GLU E 12 8.74 -7.38 -33.44
CA GLU E 12 8.23 -6.38 -34.37
C GLU E 12 9.24 -6.03 -35.46
N ALA E 13 10.51 -6.38 -35.27
CA ALA E 13 11.55 -6.09 -36.23
C ALA E 13 11.85 -7.26 -37.16
N LEU E 14 11.29 -8.43 -36.89
CA LEU E 14 11.60 -9.63 -37.65
C LEU E 14 10.58 -9.82 -38.77
N THR E 15 11.04 -10.41 -39.87
CA THR E 15 10.11 -10.83 -40.92
C THR E 15 9.30 -12.02 -40.44
N ALA E 16 7.96 -11.91 -40.48
CA ALA E 16 7.09 -12.95 -39.96
C ALA E 16 5.98 -13.24 -40.96
N SER E 17 5.44 -14.46 -40.88
CA SER E 17 4.39 -14.89 -41.80
C SER E 17 3.03 -14.23 -41.52
N SER E 18 2.82 -13.73 -40.31
CA SER E 18 1.61 -12.95 -40.00
C SER E 18 1.84 -12.20 -38.70
N GLY E 19 0.78 -11.92 -37.95
CA GLY E 19 0.92 -11.20 -36.68
C GLY E 19 0.88 -9.68 -36.88
N VAL E 20 0.33 -8.99 -35.88
CA VAL E 20 0.06 -7.56 -35.94
C VAL E 20 1.00 -6.85 -34.98
N ILE E 21 1.68 -5.82 -35.46
CA ILE E 21 2.56 -5.02 -34.60
C ILE E 21 1.71 -4.05 -33.79
N LYS E 22 1.93 -4.05 -32.47
CA LYS E 22 1.17 -3.23 -31.55
C LYS E 22 2.14 -2.58 -30.56
N SER E 23 1.68 -1.50 -29.92
CA SER E 23 2.49 -0.76 -28.95
C SER E 23 2.07 -1.14 -27.54
N ASN E 24 3.03 -1.15 -26.62
CA ASN E 24 2.74 -1.39 -25.22
C ASN E 24 3.89 -0.83 -24.39
N ALA E 25 3.56 -0.09 -23.33
CA ALA E 25 4.60 0.60 -22.56
C ALA E 25 5.46 -0.37 -21.77
N ASP E 26 5.04 -1.61 -21.62
CA ASP E 26 5.84 -2.62 -20.92
C ASP E 26 6.54 -3.57 -21.87
N ALA E 27 6.46 -3.35 -23.18
CA ALA E 27 7.14 -4.21 -24.13
C ALA E 27 8.55 -3.69 -24.38
N SER E 28 9.48 -4.63 -24.60
CA SER E 28 10.81 -4.29 -25.11
C SER E 28 10.68 -3.54 -26.42
N GLY E 29 11.33 -2.37 -26.52
CA GLY E 29 11.16 -1.52 -27.67
C GLY E 29 9.85 -0.78 -27.75
N GLY E 30 8.99 -0.93 -26.73
CA GLY E 30 7.66 -0.34 -26.74
C GLY E 30 6.69 -0.97 -27.71
N GLN E 31 7.05 -2.10 -28.32
CA GLN E 31 6.22 -2.76 -29.32
C GLN E 31 6.33 -4.27 -29.19
N TYR E 32 5.30 -4.97 -29.69
CA TYR E 32 5.29 -6.43 -29.76
C TYR E 32 4.55 -6.82 -31.03
N ARG E 33 4.57 -8.13 -31.35
CA ARG E 33 3.82 -8.62 -32.50
C ARG E 33 2.92 -9.75 -32.03
N ILE E 34 1.61 -9.55 -32.12
CA ILE E 34 0.66 -10.53 -31.62
C ILE E 34 0.17 -11.39 -32.78
N PHE E 35 0.28 -12.70 -32.61
CA PHE E 35 -0.27 -13.68 -33.53
C PHE E 35 -1.67 -14.03 -33.01
N ASN E 36 -2.69 -13.60 -33.76
CA ASN E 36 -4.09 -13.71 -33.35
C ASN E 36 -4.67 -15.08 -33.71
N ALA E 37 -4.03 -16.12 -33.16
CA ALA E 37 -4.54 -17.47 -33.35
C ALA E 37 -5.86 -17.63 -32.59
N TYR E 38 -6.83 -18.26 -33.24
CA TYR E 38 -8.13 -18.50 -32.62
C TYR E 38 -8.36 -19.98 -32.27
N GLY E 39 -7.41 -20.85 -32.58
CA GLY E 39 -7.52 -22.25 -32.21
C GLY E 39 -6.19 -22.93 -32.42
N VAL E 40 -6.12 -24.21 -32.03
CA VAL E 40 -4.86 -24.94 -32.11
C VAL E 40 -4.48 -25.20 -33.57
N ALA E 41 -3.23 -25.63 -33.75
CA ALA E 41 -2.62 -25.97 -35.03
C ALA E 41 -2.31 -24.76 -35.90
N GLU E 42 -2.72 -23.55 -35.51
CA GLU E 42 -2.26 -22.38 -36.24
C GLU E 42 -0.81 -22.09 -35.90
N GLN E 43 -0.08 -21.51 -36.85
CA GLN E 43 1.35 -21.33 -36.64
C GLN E 43 1.79 -20.01 -37.24
N ILE E 44 2.83 -19.42 -36.64
CA ILE E 44 3.47 -18.23 -37.19
C ILE E 44 4.96 -18.51 -37.34
N ASP E 45 5.52 -18.12 -38.48
CA ASP E 45 6.94 -18.30 -38.80
C ASP E 45 7.66 -16.96 -38.71
N TYR E 46 8.83 -16.97 -38.08
CA TYR E 46 9.72 -15.83 -37.97
C TYR E 46 11.05 -16.18 -38.61
N ALA E 47 11.61 -15.25 -39.38
CA ALA E 47 12.98 -15.39 -39.89
C ALA E 47 13.92 -14.77 -38.87
N VAL E 48 14.80 -15.59 -38.28
CA VAL E 48 15.64 -15.15 -37.17
C VAL E 48 17.09 -15.20 -37.63
N PRO E 49 17.73 -14.06 -37.85
CA PRO E 49 19.15 -14.07 -38.22
C PRO E 49 20.05 -14.30 -37.02
N VAL E 50 21.01 -15.20 -37.17
CA VAL E 50 22.00 -15.52 -36.15
C VAL E 50 23.34 -15.19 -36.75
N SER E 51 24.05 -14.24 -36.16
CA SER E 51 25.28 -13.78 -36.78
C SER E 51 26.47 -14.68 -36.46
N HIS E 52 26.41 -15.47 -35.39
CA HIS E 52 27.53 -16.30 -34.97
C HIS E 52 27.03 -17.66 -34.47
N ALA E 53 27.66 -18.73 -34.95
CA ALA E 53 27.33 -20.05 -34.46
C ALA E 53 27.65 -20.15 -32.98
N GLY E 54 26.85 -20.93 -32.27
CA GLY E 54 27.18 -21.20 -30.89
C GLY E 54 26.01 -21.78 -30.15
N ALA E 55 26.27 -22.16 -28.90
CA ALA E 55 25.21 -22.61 -28.01
C ALA E 55 24.56 -21.39 -27.37
N TYR E 56 23.23 -21.39 -27.32
CA TYR E 56 22.47 -20.26 -26.78
C TYR E 56 21.33 -20.81 -25.92
N ASP E 57 21.12 -20.20 -24.76
CA ASP E 57 19.85 -20.38 -24.09
C ASP E 57 18.80 -19.52 -24.80
N LEU E 58 17.66 -20.14 -25.07
CA LEU E 58 16.59 -19.48 -25.81
C LEU E 58 15.55 -18.94 -24.83
N VAL E 59 15.46 -17.62 -24.79
CA VAL E 59 14.53 -16.91 -23.91
C VAL E 59 13.51 -16.20 -24.76
N LEU E 60 12.23 -16.37 -24.42
CA LEU E 60 11.13 -15.67 -25.10
C LEU E 60 10.54 -14.65 -24.14
N GLY E 61 10.40 -13.42 -24.59
CA GLY E 61 9.62 -12.42 -23.89
C GLY E 61 8.29 -12.24 -24.60
N THR E 62 7.21 -12.31 -23.83
CA THR E 62 5.87 -12.09 -24.36
C THR E 62 5.14 -11.12 -23.44
N MET E 63 4.01 -10.60 -23.93
CA MET E 63 3.14 -9.81 -23.06
C MET E 63 2.24 -10.74 -22.25
N ARG E 64 1.80 -10.26 -21.09
CA ARG E 64 0.91 -11.05 -20.24
C ARG E 64 -0.50 -10.59 -20.55
N PHE E 65 -1.21 -11.36 -21.40
CA PHE E 65 -2.60 -11.12 -21.69
C PHE E 65 -3.40 -12.37 -21.32
N SER E 66 -4.70 -12.16 -21.04
CA SER E 66 -5.52 -13.25 -20.53
C SER E 66 -5.85 -14.29 -21.60
N ASP E 67 -5.54 -14.04 -22.87
CA ASP E 67 -5.81 -15.00 -23.93
C ASP E 67 -4.54 -15.60 -24.55
N ASN E 68 -3.43 -15.61 -23.79
CA ASN E 68 -2.20 -16.27 -24.21
C ASN E 68 -2.39 -17.78 -24.31
N GLY E 69 -1.89 -18.37 -25.41
CA GLY E 69 -1.97 -19.80 -25.61
C GLY E 69 -0.74 -20.56 -25.15
N THR E 70 -0.74 -21.86 -25.43
CA THR E 70 0.38 -22.75 -25.19
C THR E 70 0.99 -23.11 -26.53
N TYR E 71 2.32 -22.92 -26.67
CA TYR E 71 2.99 -22.98 -27.96
C TYR E 71 4.15 -23.96 -27.97
N GLN E 72 4.32 -24.64 -29.11
CA GLN E 72 5.50 -25.44 -29.43
C GLN E 72 6.38 -24.65 -30.40
N LEU E 73 7.63 -24.46 -30.03
CA LEU E 73 8.63 -23.89 -30.93
C LEU E 73 9.30 -24.98 -31.74
N GLN E 74 9.49 -24.72 -33.03
CA GLN E 74 10.41 -25.46 -33.89
C GLN E 74 11.41 -24.50 -34.46
N ILE E 75 12.68 -24.90 -34.55
CA ILE E 75 13.67 -24.17 -35.33
C ILE E 75 14.08 -25.05 -36.50
N ASP E 76 13.93 -24.50 -37.71
CA ASP E 76 14.24 -25.23 -38.94
C ASP E 76 13.55 -26.59 -38.96
N GLY E 77 12.31 -26.61 -38.47
CA GLY E 77 11.50 -27.81 -38.58
C GLY E 77 11.67 -28.83 -37.49
N ASN E 78 12.51 -28.56 -36.48
CA ASN E 78 12.67 -29.51 -35.38
C ASN E 78 12.30 -28.86 -34.05
N ASP E 79 11.56 -29.63 -33.23
CA ASP E 79 11.08 -29.14 -31.94
C ASP E 79 12.22 -28.67 -31.06
N VAL E 80 12.04 -27.50 -30.43
CA VAL E 80 12.98 -26.98 -29.45
C VAL E 80 12.20 -26.77 -28.17
N GLY E 81 12.55 -27.53 -27.12
CA GLY E 81 11.85 -27.44 -25.85
C GLY E 81 10.52 -28.19 -25.85
N ALA E 82 9.91 -28.23 -24.67
CA ALA E 82 8.54 -28.71 -24.56
C ALA E 82 7.59 -27.57 -24.87
N PRO E 83 6.31 -27.86 -25.13
CA PRO E 83 5.32 -26.79 -25.23
C PRO E 83 5.41 -25.84 -24.03
N VAL E 84 5.25 -24.54 -24.29
CA VAL E 84 5.34 -23.54 -23.24
C VAL E 84 3.98 -22.88 -23.07
N ASP E 85 3.43 -22.97 -21.86
CA ASP E 85 2.15 -22.36 -21.53
C ASP E 85 2.43 -20.92 -21.13
N LEU E 86 1.98 -19.98 -21.95
CA LEU E 86 2.32 -18.57 -21.80
C LEU E 86 1.29 -17.80 -20.97
N PHE E 87 0.29 -18.50 -20.43
CA PHE E 87 -0.68 -17.87 -19.55
C PHE E 87 -0.08 -17.68 -18.17
N ARG E 88 -0.27 -16.49 -17.60
CA ARG E 88 0.00 -16.26 -16.20
C ARG E 88 -1.17 -15.49 -15.63
N PRO E 89 -1.48 -15.65 -14.35
CA PRO E 89 -2.63 -14.93 -13.79
C PRO E 89 -2.41 -13.43 -13.64
N SER E 90 -1.18 -12.93 -13.65
CA SER E 90 -0.92 -11.52 -13.40
C SER E 90 0.44 -11.14 -14.00
N GLY E 91 0.72 -9.84 -13.97
CA GLY E 91 1.95 -9.30 -14.48
C GLY E 91 1.77 -8.54 -15.78
N LYS E 92 2.85 -7.99 -16.26
CA LYS E 92 2.84 -7.25 -17.52
C LYS E 92 3.42 -8.07 -18.65
N VAL E 93 4.43 -8.90 -18.33
CA VAL E 93 5.17 -9.66 -19.32
C VAL E 93 5.32 -11.08 -18.80
N VAL E 94 5.59 -11.98 -19.72
CA VAL E 94 5.92 -13.36 -19.41
C VAL E 94 7.26 -13.66 -20.07
N VAL E 95 8.22 -14.12 -19.28
CA VAL E 95 9.55 -14.43 -19.79
C VAL E 95 9.83 -15.87 -19.48
N VAL E 96 10.15 -16.65 -20.52
CA VAL E 96 10.35 -18.09 -20.38
C VAL E 96 11.68 -18.51 -21.00
N ASP E 97 12.34 -19.47 -20.38
CA ASP E 97 13.60 -20.00 -20.87
C ASP E 97 13.31 -21.40 -21.41
N LEU E 98 13.55 -21.60 -22.70
CA LEU E 98 13.29 -22.88 -23.35
C LEU E 98 14.48 -23.83 -23.31
N GLY E 99 15.58 -23.43 -22.72
CA GLY E 99 16.75 -24.28 -22.71
C GLY E 99 17.72 -23.94 -23.84
N SER E 100 18.71 -24.81 -23.98
CA SER E 100 19.84 -24.54 -24.85
C SER E 100 19.62 -25.15 -26.23
N VAL E 101 20.09 -24.45 -27.25
CA VAL E 101 20.14 -24.98 -28.60
C VAL E 101 21.41 -24.42 -29.23
N THR E 102 22.11 -25.27 -29.98
CA THR E 102 23.29 -24.84 -30.73
C THR E 102 22.86 -24.52 -32.15
N LEU E 103 23.18 -23.30 -32.59
CA LEU E 103 22.72 -22.77 -33.86
C LEU E 103 23.92 -22.43 -34.74
N SER E 104 23.82 -22.75 -36.03
CA SER E 104 24.78 -22.18 -36.96
C SER E 104 24.52 -20.69 -37.13
N ALA E 105 25.50 -19.98 -37.66
CA ALA E 105 25.20 -18.69 -38.26
C ALA E 105 24.26 -18.89 -39.44
N GLY E 106 23.46 -17.87 -39.73
CA GLY E 106 22.55 -17.90 -40.83
C GLY E 106 21.17 -17.50 -40.39
N VAL E 107 20.24 -17.54 -41.34
CA VAL E 107 18.84 -17.21 -41.06
C VAL E 107 18.09 -18.50 -40.77
N HIS E 108 17.48 -18.57 -39.60
CA HIS E 108 16.78 -19.77 -39.15
C HIS E 108 15.28 -19.48 -39.11
N GLU E 109 14.46 -20.49 -39.36
CA GLU E 109 13.00 -20.33 -39.24
C GLU E 109 12.56 -20.76 -37.83
N PHE E 110 12.06 -19.81 -37.05
CA PHE E 110 11.40 -20.13 -35.78
C PHE E 110 9.90 -20.25 -36.05
N THR E 111 9.34 -21.44 -35.92
CA THR E 111 7.90 -21.65 -36.09
C THR E 111 7.25 -21.87 -34.73
N PHE E 112 6.26 -21.06 -34.40
CA PHE E 112 5.50 -21.19 -33.16
C PHE E 112 4.12 -21.74 -33.52
N THR E 113 3.80 -22.93 -33.04
CA THR E 113 2.50 -23.57 -33.28
C THR E 113 1.68 -23.59 -32.00
N ALA E 114 0.43 -23.12 -32.09
CA ALA E 114 -0.48 -23.20 -30.95
C ALA E 114 -0.92 -24.65 -30.77
N VAL E 115 -0.65 -25.22 -29.60
CA VAL E 115 -0.98 -26.62 -29.34
C VAL E 115 -2.06 -26.77 -28.28
N GLY E 116 -2.41 -25.70 -27.58
CA GLY E 116 -3.47 -25.76 -26.59
C GLY E 116 -3.51 -24.45 -25.85
N LYS E 117 -4.04 -24.49 -24.63
CA LYS E 117 -4.07 -23.32 -23.77
C LYS E 117 -4.35 -23.76 -22.35
N ASN E 118 -3.91 -22.93 -21.40
CA ASN E 118 -4.26 -23.11 -20.00
C ASN E 118 -5.78 -23.08 -19.83
N THR E 119 -6.28 -23.90 -18.90
CA THR E 119 -7.72 -23.90 -18.61
C THR E 119 -8.21 -22.52 -18.20
N SER E 120 -7.36 -21.72 -17.57
CA SER E 120 -7.77 -20.37 -17.19
C SER E 120 -7.62 -19.36 -18.31
N SER E 121 -6.98 -19.72 -19.43
CA SER E 121 -6.76 -18.78 -20.51
C SER E 121 -8.00 -18.63 -21.38
N LEU E 122 -8.19 -17.41 -21.89
CA LEU E 122 -9.30 -17.10 -22.79
C LEU E 122 -8.98 -17.35 -24.26
N GLY E 123 -7.78 -17.80 -24.62
CA GLY E 123 -7.48 -17.97 -26.03
C GLY E 123 -6.12 -18.56 -26.30
N TYR E 124 -5.70 -18.41 -27.55
CA TYR E 124 -4.62 -19.19 -28.15
C TYR E 124 -3.50 -18.32 -28.69
N LYS E 125 -3.45 -17.05 -28.30
CA LYS E 125 -2.66 -16.05 -29.00
C LYS E 125 -1.21 -16.03 -28.52
N LEU E 126 -0.35 -15.48 -29.37
CA LEU E 126 1.07 -15.36 -29.04
C LEU E 126 1.47 -13.89 -29.17
N PRO E 127 1.46 -13.12 -28.08
CA PRO E 127 1.92 -11.71 -28.15
C PRO E 127 3.43 -11.66 -27.92
N LEU E 128 4.19 -12.00 -28.97
CA LEU E 128 5.64 -12.10 -28.83
C LEU E 128 6.28 -10.72 -28.79
N ASP E 129 7.12 -10.48 -27.80
CA ASP E 129 7.79 -9.21 -27.63
C ASP E 129 9.20 -9.26 -28.20
N TYR E 130 9.96 -10.31 -27.88
CA TYR E 130 11.32 -10.47 -28.39
C TYR E 130 11.76 -11.92 -28.19
N ILE E 131 12.84 -12.25 -28.91
CA ILE E 131 13.58 -13.50 -28.75
C ILE E 131 14.97 -13.13 -28.29
N GLN E 132 15.42 -13.69 -27.18
CA GLN E 132 16.73 -13.37 -26.64
C GLN E 132 17.59 -14.62 -26.67
N LEU E 133 18.71 -14.55 -27.39
CA LEU E 133 19.67 -15.64 -27.50
C LEU E 133 20.79 -15.33 -26.49
N VAL E 134 20.88 -16.12 -25.43
CA VAL E 134 21.82 -15.89 -24.34
C VAL E 134 23.04 -16.79 -24.57
N SER E 135 24.20 -16.18 -24.77
CA SER E 135 25.40 -16.91 -25.16
C SER E 135 26.04 -17.63 -23.97
N ALA E 136 26.68 -18.76 -24.29
CA ALA E 136 27.46 -19.55 -23.34
C ALA E 136 28.61 -18.72 -22.73
N THR F 1 14.99 27.64 -15.72
CA THR F 1 16.10 28.44 -15.24
C THR F 1 15.81 28.98 -13.84
N ALA F 3 13.68 29.50 -10.28
CA ALA F 3 13.13 28.50 -9.37
C ALA F 3 11.60 28.51 -9.35
N ALA F 4 11.01 27.35 -9.08
CA ALA F 4 9.56 27.29 -8.96
C ALA F 4 9.12 27.96 -7.67
N VAL F 5 8.24 28.97 -7.78
CA VAL F 5 7.76 29.68 -6.61
C VAL F 5 6.24 29.64 -6.58
N SER F 6 5.70 29.91 -5.40
CA SER F 6 4.25 29.92 -5.21
C SER F 6 3.63 31.02 -6.07
N THR F 7 2.41 30.77 -6.55
CA THR F 7 1.72 31.75 -7.37
C THR F 7 0.22 31.69 -7.09
N ARG F 8 -0.44 32.83 -7.22
CA ARG F 8 -1.90 32.92 -7.09
C ARG F 8 -2.46 33.38 -8.43
N LEU F 9 -3.41 32.60 -8.97
CA LEU F 9 -4.05 32.86 -10.24
C LEU F 9 -5.52 33.18 -9.97
N GLU F 10 -5.94 34.39 -10.33
CA GLU F 10 -7.31 34.80 -10.04
C GLU F 10 -8.25 34.13 -11.03
N ALA F 11 -9.37 33.62 -10.53
CA ALA F 11 -10.31 32.94 -11.42
C ALA F 11 -10.85 33.90 -12.49
N GLU F 12 -11.03 35.16 -12.12
CA GLU F 12 -11.56 36.17 -13.04
C GLU F 12 -10.55 36.51 -14.13
N ALA F 13 -9.28 36.15 -13.96
CA ALA F 13 -8.24 36.44 -14.93
C ALA F 13 -7.93 35.28 -15.85
N LEU F 14 -8.51 34.11 -15.59
CA LEU F 14 -8.18 32.91 -16.34
C LEU F 14 -9.19 32.72 -17.46
N THR F 15 -8.74 32.14 -18.58
CA THR F 15 -9.66 31.72 -19.62
C THR F 15 -10.47 30.52 -19.13
N ALA F 16 -11.81 30.64 -19.17
CA ALA F 16 -12.69 29.60 -18.65
C ALA F 16 -13.81 29.31 -19.64
N SER F 17 -14.34 28.08 -19.56
CA SER F 17 -15.37 27.65 -20.49
C SER F 17 -16.73 28.29 -20.21
N SER F 18 -16.95 28.82 -19.01
CA SER F 18 -18.16 29.60 -18.70
C SER F 18 -17.93 30.34 -17.39
N GLY F 19 -18.99 30.59 -16.62
CA GLY F 19 -18.85 31.35 -15.37
C GLY F 19 -18.92 32.86 -15.54
N VAL F 20 -19.46 33.55 -14.55
CA VAL F 20 -19.72 34.99 -14.63
C VAL F 20 -18.79 35.70 -13.66
N ILE F 21 -18.08 36.72 -14.14
CA ILE F 21 -17.22 37.52 -13.27
C ILE F 21 -18.06 38.49 -12.46
N LYS F 22 -17.83 38.50 -11.16
CA LYS F 22 -18.61 39.29 -10.21
C LYS F 22 -17.65 39.96 -9.24
N SER F 23 -18.11 41.05 -8.62
CA SER F 23 -17.30 41.79 -7.65
C SER F 23 -17.72 41.39 -6.24
N ASN F 24 -16.76 41.38 -5.32
CA ASN F 24 -17.04 41.13 -3.91
C ASN F 24 -15.89 41.70 -3.09
N ALA F 25 -16.23 42.44 -2.03
CA ALA F 25 -15.19 43.12 -1.25
C ALA F 25 -14.32 42.16 -0.45
N ASP F 26 -14.75 40.91 -0.30
CA ASP F 26 -13.94 39.91 0.39
C ASP F 26 -13.24 38.96 -0.55
N ALA F 27 -13.31 39.20 -1.85
CA ALA F 27 -12.63 38.34 -2.81
C ALA F 27 -11.21 38.85 -3.08
N SER F 28 -10.31 37.90 -3.32
CA SER F 28 -8.97 38.25 -3.81
C SER F 28 -9.10 39.01 -5.13
N GLY F 29 -8.44 40.17 -5.22
CA GLY F 29 -8.62 41.03 -6.37
C GLY F 29 -9.95 41.76 -6.43
N GLY F 30 -10.80 41.60 -5.42
CA GLY F 30 -12.14 42.19 -5.42
C GLY F 30 -13.12 41.56 -6.38
N GLN F 31 -12.74 40.45 -7.02
CA GLN F 31 -13.58 39.78 -8.02
C GLN F 31 -13.46 38.27 -7.87
N TYR F 32 -14.49 37.58 -8.37
CA TYR F 32 -14.50 36.12 -8.45
C TYR F 32 -15.24 35.71 -9.72
N ARG F 33 -15.21 34.42 -10.05
CA ARG F 33 -15.96 33.92 -11.19
C ARG F 33 -16.86 32.78 -10.71
N ILE F 34 -18.17 32.99 -10.81
CA ILE F 34 -19.13 32.01 -10.31
C ILE F 34 -19.63 31.16 -11.47
N PHE F 35 -19.51 29.84 -11.31
CA PHE F 35 -20.05 28.86 -12.24
C PHE F 35 -21.44 28.50 -11.72
N ASN F 36 -22.46 28.93 -12.47
CA ASN F 36 -23.86 28.82 -12.05
C ASN F 36 -24.45 27.45 -12.41
N ALA F 37 -23.82 26.42 -11.85
CA ALA F 37 -24.33 25.06 -12.05
C ALA F 37 -25.63 24.91 -11.29
N TYR F 38 -26.60 24.28 -11.94
CA TYR F 38 -27.90 24.03 -11.34
C TYR F 38 -28.13 22.57 -10.98
N GLY F 39 -27.18 21.69 -11.27
CA GLY F 39 -27.27 20.30 -10.87
C GLY F 39 -25.95 19.62 -11.10
N VAL F 40 -25.89 18.34 -10.72
CA VAL F 40 -24.63 17.61 -10.80
C VAL F 40 -24.26 17.34 -12.26
N ALA F 41 -23.03 16.89 -12.45
CA ALA F 41 -22.42 16.54 -13.74
C ALA F 41 -22.09 17.76 -14.58
N GLU F 42 -22.48 18.98 -14.19
CA GLU F 42 -22.05 20.16 -14.91
C GLU F 42 -20.59 20.46 -14.58
N GLN F 43 -19.86 21.04 -15.52
CA GLN F 43 -18.43 21.21 -15.33
C GLN F 43 -17.98 22.53 -15.94
N ILE F 44 -16.95 23.11 -15.34
CA ILE F 44 -16.31 24.31 -15.88
C ILE F 44 -14.82 24.04 -16.04
N ASP F 45 -14.26 24.43 -17.18
CA ASP F 45 -12.85 24.24 -17.49
C ASP F 45 -12.13 25.58 -17.40
N TYR F 46 -10.96 25.57 -16.76
CA TYR F 46 -10.07 26.72 -16.66
C TYR F 46 -8.74 26.36 -17.30
N ALA F 47 -8.17 27.29 -18.07
CA ALA F 47 -6.81 27.15 -18.58
C ALA F 47 -5.86 27.77 -17.56
N VAL F 48 -4.99 26.95 -16.98
CA VAL F 48 -4.14 27.38 -15.86
C VAL F 48 -2.70 27.32 -16.33
N PRO F 49 -2.04 28.47 -16.52
CA PRO F 49 -0.63 28.46 -16.91
C PRO F 49 0.27 28.23 -15.70
N VAL F 50 1.24 27.34 -15.85
CA VAL F 50 2.21 27.02 -14.82
C VAL F 50 3.57 27.35 -15.43
N SER F 51 4.27 28.31 -14.84
CA SER F 51 5.51 28.77 -15.47
C SER F 51 6.69 27.86 -15.15
N HIS F 52 6.63 27.08 -14.08
CA HIS F 52 7.74 26.24 -13.64
C HIS F 52 7.25 24.90 -13.16
N ALA F 53 7.87 23.82 -13.64
CA ALA F 53 7.56 22.50 -13.15
C ALA F 53 7.88 22.39 -11.66
N GLY F 54 7.09 21.60 -10.96
CA GLY F 54 7.43 21.34 -9.57
C GLY F 54 6.23 20.76 -8.84
N ALA F 55 6.49 20.40 -7.59
CA ALA F 55 5.44 19.95 -6.70
C ALA F 55 4.77 21.17 -6.06
N TYR F 56 3.44 21.15 -6.01
CA TYR F 56 2.68 22.26 -5.46
C TYR F 56 1.55 21.73 -4.60
N ASP F 57 1.35 22.33 -3.43
CA ASP F 57 0.07 22.16 -2.77
C ASP F 57 -0.97 23.02 -3.47
N LEU F 58 -2.11 22.40 -3.74
CA LEU F 58 -3.18 23.05 -4.49
C LEU F 58 -4.22 23.60 -3.53
N VAL F 59 -4.31 24.92 -3.48
CA VAL F 59 -5.24 25.62 -2.60
C VAL F 59 -6.28 26.32 -3.47
N LEU F 60 -7.55 26.17 -3.13
CA LEU F 60 -8.64 26.86 -3.80
C LEU F 60 -9.24 27.88 -2.84
N GLY F 61 -9.36 29.12 -3.28
CA GLY F 61 -10.16 30.11 -2.59
C GLY F 61 -11.49 30.28 -3.29
N THR F 62 -12.57 30.22 -2.53
CA THR F 62 -13.91 30.44 -3.05
C THR F 62 -14.64 31.40 -2.14
N MET F 63 -15.77 31.91 -2.62
CA MET F 63 -16.63 32.72 -1.76
C MET F 63 -17.53 31.80 -0.94
N ARG F 64 -17.96 32.28 0.23
CA ARG F 64 -18.86 31.51 1.07
C ARG F 64 -20.28 31.95 0.76
N PHE F 65 -20.97 31.17 -0.08
CA PHE F 65 -22.37 31.41 -0.37
C PHE F 65 -23.17 30.17 0.00
N SER F 66 -24.46 30.37 0.29
CA SER F 66 -25.29 29.27 0.79
C SER F 66 -25.62 28.24 -0.28
N ASP F 67 -25.31 28.50 -1.56
CA ASP F 67 -25.59 27.53 -2.62
C ASP F 67 -24.31 26.94 -3.23
N ASN F 68 -23.21 26.91 -2.47
CA ASN F 68 -21.98 26.27 -2.90
C ASN F 68 -22.16 24.76 -3.00
N GLY F 69 -21.67 24.18 -4.10
CA GLY F 69 -21.74 22.75 -4.31
C GLY F 69 -20.51 22.00 -3.84
N THR F 70 -20.50 20.69 -4.12
CA THR F 70 -19.38 19.81 -3.88
C THR F 70 -18.77 19.44 -5.23
N TYR F 71 -17.46 19.63 -5.36
CA TYR F 71 -16.78 19.57 -6.65
C TYR F 71 -15.62 18.58 -6.65
N GLN F 72 -15.45 17.90 -7.79
CA GLN F 72 -14.27 17.11 -8.12
C GLN F 72 -13.40 17.89 -9.09
N LEU F 73 -12.13 18.08 -8.71
CA LEU F 73 -11.15 18.65 -9.61
C LEU F 73 -10.47 17.56 -10.42
N GLN F 74 -10.29 17.82 -11.72
CA GLN F 74 -9.38 17.07 -12.57
C GLN F 74 -8.36 18.04 -13.14
N ILE F 75 -7.10 17.63 -13.24
CA ILE F 75 -6.12 18.37 -14.03
C ILE F 75 -5.70 17.50 -15.20
N ASP F 76 -5.85 18.05 -16.40
CA ASP F 76 -5.54 17.33 -17.64
C ASP F 76 -6.23 15.96 -17.66
N GLY F 77 -7.45 15.92 -17.17
CA GLY F 77 -8.26 14.73 -17.28
C GLY F 77 -8.10 13.72 -16.17
N ASN F 78 -7.28 13.98 -15.16
CA ASN F 78 -7.11 13.02 -14.07
C ASN F 78 -7.48 13.67 -12.74
N ASP F 79 -8.22 12.92 -11.92
CA ASP F 79 -8.70 13.41 -10.62
C ASP F 79 -7.55 13.88 -9.74
N VAL F 80 -7.73 15.04 -9.14
CA VAL F 80 -6.80 15.56 -8.13
C VAL F 80 -7.59 15.77 -6.85
N GLY F 81 -7.24 15.02 -5.82
CA GLY F 81 -7.94 15.10 -4.54
C GLY F 81 -9.27 14.36 -4.53
N ALA F 82 -9.86 14.31 -3.35
CA ALA F 82 -11.23 13.84 -3.21
C ALA F 82 -12.18 14.97 -3.56
N PRO F 83 -13.46 14.68 -3.82
CA PRO F 83 -14.45 15.75 -3.93
C PRO F 83 -14.37 16.70 -2.74
N VAL F 84 -14.54 17.99 -3.00
CA VAL F 84 -14.45 18.99 -1.94
C VAL F 84 -15.81 19.67 -1.77
N ASP F 85 -16.35 19.58 -0.56
CA ASP F 85 -17.63 20.20 -0.22
C ASP F 85 -17.34 21.63 0.17
N LEU F 86 -17.80 22.58 -0.66
CA LEU F 86 -17.47 23.98 -0.49
C LEU F 86 -18.50 24.74 0.33
N PHE F 87 -19.48 24.04 0.89
CA PHE F 87 -20.46 24.66 1.77
C PHE F 87 -19.87 24.86 3.15
N ARG F 88 -20.04 26.06 3.69
CA ARG F 88 -19.78 26.30 5.10
C ARG F 88 -20.97 27.07 5.66
N PRO F 89 -21.28 26.93 6.94
CA PRO F 89 -22.45 27.65 7.48
C PRO F 89 -22.21 29.14 7.67
N SER F 90 -20.97 29.60 7.70
CA SER F 90 -20.71 31.02 7.95
C SER F 90 -19.37 31.40 7.32
N GLY F 91 -19.13 32.70 7.29
CA GLY F 91 -17.86 33.23 6.82
C GLY F 91 -18.02 33.98 5.51
N LYS F 92 -16.93 34.60 5.09
CA LYS F 92 -16.89 35.34 3.84
C LYS F 92 -16.33 34.51 2.70
N VAL F 93 -15.32 33.68 2.99
CA VAL F 93 -14.59 32.90 2.01
C VAL F 93 -14.46 31.47 2.52
N VAL F 94 -14.20 30.56 1.59
CA VAL F 94 -13.88 29.18 1.91
C VAL F 94 -12.54 28.87 1.25
N VAL F 95 -11.57 28.42 2.05
CA VAL F 95 -10.24 28.12 1.53
C VAL F 95 -9.95 26.66 1.82
N VAL F 96 -9.63 25.89 0.78
CA VAL F 96 -9.43 24.44 0.92
C VAL F 96 -8.10 24.04 0.30
N ASP F 97 -7.44 23.08 0.92
CA ASP F 97 -6.17 22.55 0.43
C ASP F 97 -6.45 21.16 -0.10
N LEU F 98 -6.23 20.96 -1.40
CA LEU F 98 -6.48 19.67 -2.04
C LEU F 98 -5.29 18.72 -1.97
N GLY F 99 -4.18 19.14 -1.40
CA GLY F 99 -3.01 18.30 -1.38
C GLY F 99 -2.06 18.63 -2.52
N SER F 100 -1.06 17.76 -2.65
CA SER F 100 0.06 18.02 -3.53
C SER F 100 -0.17 17.41 -4.91
N VAL F 101 0.30 18.11 -5.93
CA VAL F 101 0.36 17.56 -7.28
C VAL F 101 1.63 18.11 -7.92
N THR F 102 2.32 17.26 -8.67
CA THR F 102 3.50 17.68 -9.42
C THR F 102 3.09 18.01 -10.84
N LEU F 103 3.42 19.22 -11.29
CA LEU F 103 2.96 19.75 -12.56
C LEU F 103 4.16 20.10 -13.43
N SER F 104 4.06 19.80 -14.72
CA SER F 104 5.02 20.38 -15.65
C SER F 104 4.73 21.86 -15.83
N ALA F 105 5.72 22.58 -16.35
CA ALA F 105 5.43 23.87 -16.95
C ALA F 105 4.48 23.66 -18.13
N GLY F 106 3.70 24.67 -18.43
CA GLY F 106 2.77 24.64 -19.54
C GLY F 106 1.38 25.04 -19.09
N VAL F 107 0.45 24.99 -20.03
CA VAL F 107 -0.94 25.33 -19.76
C VAL F 107 -1.68 24.04 -19.46
N HIS F 108 -2.31 23.96 -18.29
CA HIS F 108 -3.01 22.77 -17.84
C HIS F 108 -4.50 23.06 -17.80
N GLU F 109 -5.32 22.04 -18.04
CA GLU F 109 -6.78 22.20 -17.93
C GLU F 109 -7.21 21.77 -16.53
N PHE F 110 -7.73 22.73 -15.75
CA PHE F 110 -8.37 22.41 -14.47
C PHE F 110 -9.88 22.30 -14.74
N THR F 111 -10.43 21.10 -14.61
CA THR F 111 -11.86 20.89 -14.77
C THR F 111 -12.53 20.66 -13.41
N PHE F 112 -13.53 21.48 -13.10
CA PHE F 112 -14.28 21.36 -11.85
C PHE F 112 -15.66 20.81 -12.21
N THR F 113 -15.98 19.61 -11.73
CA THR F 113 -17.28 18.98 -11.97
C THR F 113 -18.10 18.95 -10.69
N ALA F 114 -19.36 19.40 -10.79
CA ALA F 114 -20.25 19.33 -9.64
C ALA F 114 -20.68 17.89 -9.46
N VAL F 115 -20.43 17.32 -8.28
CA VAL F 115 -20.77 15.92 -8.02
C VAL F 115 -21.85 15.78 -6.96
N GLY F 116 -22.21 16.85 -6.27
CA GLY F 116 -23.24 16.77 -5.26
C GLY F 116 -23.29 18.10 -4.52
N LYS F 117 -23.82 18.04 -3.30
CA LYS F 117 -23.86 19.23 -2.45
C LYS F 117 -24.12 18.78 -1.02
N ASN F 118 -23.69 19.62 -0.08
CA ASN F 118 -24.05 19.44 1.32
C ASN F 118 -25.56 19.44 1.49
N THR F 119 -26.07 18.62 2.41
CA THR F 119 -27.50 18.63 2.68
C THR F 119 -28.00 20.01 3.10
N SER F 120 -27.14 20.81 3.73
CA SER F 120 -27.55 22.16 4.12
C SER F 120 -27.40 23.18 2.99
N SER F 121 -26.76 22.81 1.88
CA SER F 121 -26.54 23.75 0.79
C SER F 121 -27.78 23.91 -0.07
N LEU F 122 -27.97 25.12 -0.59
CA LEU F 122 -29.08 25.43 -1.49
C LEU F 122 -28.77 25.19 -2.96
N GLY F 123 -27.57 24.73 -3.31
CA GLY F 123 -27.27 24.56 -4.72
C GLY F 123 -25.90 23.97 -4.97
N TYR F 124 -25.46 24.13 -6.23
CA TYR F 124 -24.38 23.35 -6.82
C TYR F 124 -23.27 24.23 -7.37
N LYS F 125 -23.24 25.50 -6.99
CA LYS F 125 -22.43 26.49 -7.70
C LYS F 125 -21.00 26.51 -7.21
N LEU F 126 -20.14 27.05 -8.06
CA LEU F 126 -18.72 27.19 -7.74
C LEU F 126 -18.32 28.66 -7.86
N PRO F 127 -18.33 29.43 -6.76
CA PRO F 127 -17.87 30.83 -6.83
C PRO F 127 -16.35 30.88 -6.60
N LEU F 128 -15.59 30.53 -7.65
CA LEU F 128 -14.14 30.42 -7.50
C LEU F 128 -13.52 31.81 -7.47
N ASP F 129 -12.67 32.05 -6.47
CA ASP F 129 -11.99 33.33 -6.30
C ASP F 129 -10.58 33.27 -6.89
N TYR F 130 -9.82 32.22 -6.56
CA TYR F 130 -8.47 32.06 -7.08
C TYR F 130 -8.01 30.62 -6.89
N ILE F 131 -6.94 30.28 -7.61
CA ILE F 131 -6.20 29.03 -7.45
C ILE F 131 -4.81 29.41 -6.99
N GLN F 132 -4.37 28.85 -5.87
CA GLN F 132 -3.05 29.17 -5.33
C GLN F 132 -2.19 27.93 -5.37
N LEU F 133 -1.08 27.99 -6.09
CA LEU F 133 -0.12 26.90 -6.18
C LEU F 133 1.00 27.20 -5.20
N VAL F 134 1.11 26.40 -4.14
CA VAL F 134 2.06 26.63 -3.06
C VAL F 134 3.28 25.72 -3.26
N SER F 135 4.45 26.31 -3.50
CA SER F 135 5.70 25.59 -3.66
C SER F 135 6.38 25.38 -2.30
N ALA F 136 7.41 24.53 -2.28
CA ALA F 136 8.12 24.23 -1.03
C ALA F 136 9.30 25.16 -0.74
N ALA G 4 -3.28 10.25 -22.16
CA ALA G 4 -4.25 9.28 -22.62
C ALA G 4 -3.71 7.85 -22.58
N VAL G 5 -2.59 7.58 -23.28
CA VAL G 5 -2.04 6.24 -23.36
C VAL G 5 -0.61 6.18 -22.85
N SER G 6 -0.29 5.07 -22.19
CA SER G 6 1.07 4.81 -21.70
C SER G 6 2.01 4.59 -22.88
N THR G 7 3.27 5.02 -22.72
CA THR G 7 4.24 4.81 -23.78
C THR G 7 5.63 4.51 -23.19
N ARG G 8 6.40 3.69 -23.89
CA ARG G 8 7.80 3.50 -23.58
C ARG G 8 8.64 4.17 -24.67
N LEU G 9 9.52 5.07 -24.26
CA LEU G 9 10.36 5.82 -25.18
C LEU G 9 11.80 5.34 -24.96
N GLU G 10 12.36 4.67 -25.95
CA GLU G 10 13.72 4.15 -25.81
C GLU G 10 14.73 5.28 -25.77
N ALA G 11 15.70 5.19 -24.85
CA ALA G 11 16.66 6.28 -24.70
C ALA G 11 17.52 6.44 -25.95
N GLU G 12 17.83 5.31 -26.61
CA GLU G 12 18.63 5.32 -27.83
C GLU G 12 17.86 5.90 -29.01
N ALA G 13 16.53 5.97 -28.94
CA ALA G 13 15.74 6.51 -30.03
C ALA G 13 15.36 7.96 -29.82
N LEU G 14 15.15 8.37 -28.57
CA LEU G 14 14.90 9.77 -28.26
C LEU G 14 16.07 10.66 -28.71
N THR G 15 15.73 11.89 -29.05
CA THR G 15 16.74 12.92 -29.24
C THR G 15 17.31 13.34 -27.90
N ALA G 16 18.64 13.29 -27.80
CA ALA G 16 19.37 13.60 -26.57
C ALA G 16 20.54 14.52 -26.89
N SER G 17 20.97 15.28 -25.88
CA SER G 17 22.04 16.25 -26.07
C SER G 17 23.42 15.58 -26.21
N SER G 18 23.59 14.36 -25.69
CA SER G 18 24.84 13.61 -25.89
C SER G 18 24.53 12.13 -25.67
N GLY G 19 25.55 11.35 -25.29
CA GLY G 19 25.32 9.96 -24.93
C GLY G 19 25.56 8.96 -26.04
N VAL G 20 26.15 7.81 -25.71
CA VAL G 20 26.63 6.84 -26.69
C VAL G 20 25.65 5.68 -26.75
N ILE G 21 25.19 5.34 -27.95
CA ILE G 21 24.26 4.22 -28.12
C ILE G 21 25.05 2.92 -28.11
N LYS G 22 24.63 2.00 -27.27
CA LYS G 22 25.28 0.71 -27.05
C LYS G 22 24.27 -0.41 -27.17
N SER G 23 24.73 -1.61 -27.53
CA SER G 23 23.86 -2.78 -27.57
C SER G 23 23.98 -3.59 -26.29
N ASN G 24 22.88 -4.22 -25.87
CA ASN G 24 22.91 -5.13 -24.73
C ASN G 24 21.66 -6.00 -24.81
N ALA G 25 21.87 -7.32 -24.75
CA ALA G 25 20.78 -8.28 -24.94
C ALA G 25 19.75 -8.20 -23.84
N ASP G 26 20.05 -7.58 -22.71
CA ASP G 26 19.06 -7.43 -21.65
C ASP G 26 18.44 -6.04 -21.60
N ALA G 27 18.75 -5.18 -22.56
CA ALA G 27 18.16 -3.86 -22.59
C ALA G 27 16.88 -3.87 -23.41
N SER G 28 15.93 -3.02 -23.01
CA SER G 28 14.73 -2.83 -23.81
C SER G 28 15.14 -2.37 -25.20
N GLY G 29 14.57 -3.01 -26.24
CA GLY G 29 14.99 -2.70 -27.59
C GLY G 29 16.38 -3.17 -27.93
N GLY G 30 17.04 -3.90 -27.03
CA GLY G 30 18.39 -4.35 -27.30
C GLY G 30 19.46 -3.29 -27.26
N GLN G 31 19.12 -2.05 -26.86
CA GLN G 31 20.08 -0.96 -26.84
C GLN G 31 19.80 -0.03 -25.67
N TYR G 32 20.80 0.78 -25.35
CA TYR G 32 20.71 1.83 -24.33
C TYR G 32 21.60 2.98 -24.74
N ARG G 33 21.48 4.09 -24.03
CA ARG G 33 22.27 5.29 -24.30
C ARG G 33 23.01 5.66 -23.02
N ILE G 34 24.33 5.57 -23.03
CA ILE G 34 25.07 5.83 -21.80
C ILE G 34 25.63 7.24 -21.84
N PHE G 35 25.29 8.03 -20.83
CA PHE G 35 25.85 9.35 -20.60
C PHE G 35 27.09 9.16 -19.71
N ASN G 36 28.27 9.44 -20.28
CA ASN G 36 29.54 9.16 -19.63
C ASN G 36 29.99 10.34 -18.77
N ALA G 37 29.16 10.69 -17.80
CA ALA G 37 29.53 11.71 -16.83
C ALA G 37 30.70 11.22 -15.99
N TYR G 38 31.60 12.15 -15.64
CA TYR G 38 32.70 11.80 -14.76
C TYR G 38 32.67 12.58 -13.45
N GLY G 39 31.63 13.36 -13.20
CA GLY G 39 31.51 14.08 -11.94
C GLY G 39 30.21 14.83 -11.91
N VAL G 40 30.01 15.61 -10.84
CA VAL G 40 28.73 16.31 -10.66
C VAL G 40 28.65 17.52 -11.58
N ALA G 41 27.43 18.05 -11.70
CA ALA G 41 27.08 19.20 -12.54
C ALA G 41 27.24 18.92 -14.03
N GLU G 42 27.22 17.66 -14.43
CA GLU G 42 27.19 17.27 -15.83
C GLU G 42 25.80 16.72 -16.12
N GLN G 43 25.23 17.08 -17.28
CA GLN G 43 23.85 16.71 -17.54
C GLN G 43 23.64 16.25 -18.97
N ILE G 44 22.57 15.47 -19.14
CA ILE G 44 22.06 15.06 -20.45
C ILE G 44 20.58 15.43 -20.57
N ASP G 45 20.22 16.07 -21.68
CA ASP G 45 18.83 16.46 -21.98
C ASP G 45 18.22 15.50 -22.98
N TYR G 46 17.00 15.06 -22.69
CA TYR G 46 16.19 14.24 -23.58
C TYR G 46 14.93 15.02 -23.95
N ALA G 47 14.57 15.01 -25.24
CA ALA G 47 13.30 15.61 -25.67
C ALA G 47 12.22 14.54 -25.59
N VAL G 48 11.27 14.71 -24.68
CA VAL G 48 10.29 13.70 -24.31
C VAL G 48 8.92 14.17 -24.82
N PRO G 49 8.31 13.49 -25.79
CA PRO G 49 7.01 13.93 -26.30
C PRO G 49 5.85 13.43 -25.45
N VAL G 50 4.86 14.30 -25.26
CA VAL G 50 3.63 13.99 -24.56
C VAL G 50 2.51 14.32 -25.53
N SER G 51 1.96 13.30 -26.20
CA SER G 51 0.96 13.61 -27.21
C SER G 51 -0.39 13.94 -26.59
N HIS G 52 -0.67 13.43 -25.39
CA HIS G 52 -1.92 13.71 -24.70
C HIS G 52 -1.64 14.14 -23.27
N ALA G 53 -2.13 15.30 -22.87
CA ALA G 53 -1.91 15.79 -21.52
C ALA G 53 -2.50 14.82 -20.51
N GLY G 54 -1.87 14.71 -19.36
CA GLY G 54 -2.44 13.89 -18.31
C GLY G 54 -1.42 13.58 -17.24
N ALA G 55 -1.90 12.85 -16.22
CA ALA G 55 -1.03 12.38 -15.13
C ALA G 55 -0.37 11.08 -15.57
N TYR G 56 0.94 10.99 -15.37
CA TYR G 56 1.71 9.81 -15.74
C TYR G 56 2.68 9.49 -14.63
N ASP G 57 2.85 8.21 -14.29
CA ASP G 57 4.00 7.81 -13.50
C ASP G 57 5.23 7.78 -14.39
N LEU G 58 6.31 8.40 -13.92
CA LEU G 58 7.56 8.46 -14.66
C LEU G 58 8.43 7.31 -14.19
N VAL G 59 8.64 6.33 -15.06
CA VAL G 59 9.44 5.16 -14.75
C VAL G 59 10.71 5.24 -15.58
N LEU G 60 11.86 5.04 -14.94
CA LEU G 60 13.14 5.00 -15.62
C LEU G 60 13.66 3.57 -15.62
N GLY G 61 14.04 3.10 -16.79
CA GLY G 61 14.80 1.87 -16.91
C GLY G 61 16.24 2.23 -17.26
N THR G 62 17.18 1.64 -16.52
CA THR G 62 18.59 1.83 -16.81
C THR G 62 19.27 0.47 -16.79
N MET G 63 20.51 0.42 -17.29
CA MET G 63 21.30 -0.77 -17.09
C MET G 63 21.91 -0.76 -15.68
N ARG G 64 22.19 -1.96 -15.16
CA ARG G 64 22.87 -2.09 -13.86
C ARG G 64 24.35 -2.24 -14.14
N PHE G 65 25.09 -1.13 -14.03
CA PHE G 65 26.54 -1.15 -14.17
C PHE G 65 27.14 -0.61 -12.87
N SER G 66 28.38 -1.02 -12.58
CA SER G 66 28.97 -0.68 -11.29
C SER G 66 29.47 0.75 -11.21
N ASP G 67 29.37 1.54 -12.28
CA ASP G 67 29.72 2.96 -12.22
C ASP G 67 28.51 3.87 -12.43
N ASN G 68 27.30 3.41 -12.07
CA ASN G 68 26.11 4.25 -12.13
C ASN G 68 26.16 5.34 -11.08
N GLY G 69 25.79 6.57 -11.48
CA GLY G 69 25.74 7.68 -10.57
C GLY G 69 24.36 7.93 -9.98
N THR G 70 24.25 9.07 -9.29
CA THR G 70 23.01 9.54 -8.70
C THR G 70 22.58 10.81 -9.42
N TYR G 71 21.32 10.84 -9.85
CA TYR G 71 20.82 11.85 -10.77
C TYR G 71 19.60 12.56 -10.23
N GLN G 72 19.50 13.84 -10.57
CA GLN G 72 18.33 14.67 -10.31
C GLN G 72 17.65 14.92 -11.63
N LEU G 73 16.36 14.59 -11.69
CA LEU G 73 15.54 14.92 -12.85
C LEU G 73 15.09 16.38 -12.80
N GLN G 74 15.18 17.04 -13.95
CA GLN G 74 14.48 18.31 -14.17
C GLN G 74 13.56 18.14 -15.36
N ILE G 75 12.38 18.77 -15.29
CA ILE G 75 11.48 18.86 -16.43
C ILE G 75 11.31 20.33 -16.77
N ASP G 76 11.53 20.65 -18.04
CA ASP G 76 11.49 22.03 -18.52
C ASP G 76 12.31 22.95 -17.63
N GLY G 77 13.42 22.42 -17.13
CA GLY G 77 14.40 23.20 -16.43
C GLY G 77 14.21 23.35 -14.94
N ASN G 78 13.25 22.66 -14.32
CA ASN G 78 13.13 22.72 -12.85
C ASN G 78 13.09 21.31 -12.27
N ASP G 79 13.62 21.19 -11.04
CA ASP G 79 13.69 19.90 -10.34
C ASP G 79 12.33 19.23 -10.23
N VAL G 80 12.30 17.92 -10.48
CA VAL G 80 11.14 17.08 -10.24
C VAL G 80 11.59 15.84 -9.48
N GLY G 81 11.03 15.62 -8.30
CA GLY G 81 11.34 14.41 -7.54
C GLY G 81 12.65 14.50 -6.78
N ALA G 82 12.91 13.45 -6.01
CA ALA G 82 14.16 13.39 -5.28
C ALA G 82 15.25 12.82 -6.17
N PRO G 83 16.52 13.07 -5.85
CA PRO G 83 17.60 12.41 -6.59
C PRO G 83 17.44 10.90 -6.57
N VAL G 84 17.78 10.27 -7.69
CA VAL G 84 17.67 8.82 -7.83
C VAL G 84 19.08 8.22 -7.92
N ASP G 85 19.44 7.40 -6.93
CA ASP G 85 20.72 6.71 -6.91
C ASP G 85 20.58 5.43 -7.72
N LEU G 86 21.29 5.32 -8.83
CA LEU G 86 21.10 4.21 -9.74
C LEU G 86 22.10 3.09 -9.52
N PHE G 87 22.87 3.13 -8.44
CA PHE G 87 23.75 2.00 -8.12
C PHE G 87 22.93 0.87 -7.50
N ARG G 88 23.13 -0.34 -8.00
CA ARG G 88 22.65 -1.55 -7.36
C ARG G 88 23.78 -2.57 -7.34
N PRO G 89 23.80 -3.47 -6.36
CA PRO G 89 24.90 -4.45 -6.30
C PRO G 89 24.79 -5.57 -7.31
N SER G 90 23.62 -5.88 -7.84
CA SER G 90 23.49 -6.99 -8.77
C SER G 90 22.33 -6.72 -9.70
N GLY G 91 22.18 -7.60 -10.70
CA GLY G 91 21.07 -7.52 -11.63
C GLY G 91 21.54 -7.06 -13.00
N LYS G 92 20.64 -7.19 -13.98
CA LYS G 92 20.91 -6.73 -15.33
C LYS G 92 20.47 -5.29 -15.52
N VAL G 93 19.36 -4.90 -14.90
CA VAL G 93 18.76 -3.60 -15.13
C VAL G 93 18.34 -3.03 -13.79
N VAL G 94 18.03 -1.73 -13.79
CA VAL G 94 17.53 -1.01 -12.64
C VAL G 94 16.28 -0.26 -13.08
N VAL G 95 15.18 -0.42 -12.36
CA VAL G 95 13.93 0.24 -12.72
C VAL G 95 13.48 1.05 -11.52
N VAL G 96 13.22 2.34 -11.73
CA VAL G 96 12.82 3.23 -10.63
C VAL G 96 11.56 4.00 -11.04
N ASP G 97 10.61 4.09 -10.11
CA ASP G 97 9.35 4.81 -10.32
C ASP G 97 9.49 6.13 -9.58
N LEU G 98 9.49 7.24 -10.33
CA LEU G 98 9.65 8.55 -9.74
C LEU G 98 8.34 9.13 -9.23
N GLY G 99 7.22 8.47 -9.47
CA GLY G 99 5.94 8.99 -9.05
C GLY G 99 5.22 9.73 -10.17
N SER G 100 4.06 10.26 -9.82
CA SER G 100 3.20 10.85 -10.83
C SER G 100 3.58 12.29 -11.11
N VAL G 101 3.55 12.66 -12.38
CA VAL G 101 3.68 14.04 -12.82
C VAL G 101 2.57 14.31 -13.83
N THR G 102 1.89 15.44 -13.69
CA THR G 102 0.86 15.82 -14.65
C THR G 102 1.50 16.67 -15.73
N LEU G 103 1.58 16.13 -16.94
CA LEU G 103 2.29 16.72 -18.07
C LEU G 103 1.29 17.32 -19.05
N SER G 104 1.53 18.57 -19.41
CA SER G 104 0.79 19.17 -20.50
C SER G 104 1.28 18.59 -21.83
N ALA G 105 0.43 18.69 -22.85
CA ALA G 105 0.80 18.14 -24.15
C ALA G 105 1.93 18.97 -24.75
N GLY G 106 2.87 18.30 -25.42
CA GLY G 106 3.99 18.97 -26.03
C GLY G 106 5.27 18.19 -25.81
N VAL G 107 6.37 18.67 -26.35
CA VAL G 107 7.67 18.03 -26.11
C VAL G 107 8.32 18.73 -24.92
N HIS G 108 8.59 17.98 -23.86
CA HIS G 108 9.20 18.49 -22.64
C HIS G 108 10.64 18.04 -22.56
N GLU G 109 11.52 18.94 -22.12
CA GLU G 109 12.90 18.58 -21.87
C GLU G 109 13.03 17.87 -20.52
N PHE G 110 13.46 16.61 -20.54
CA PHE G 110 13.83 15.88 -19.34
C PHE G 110 15.34 15.96 -19.22
N THR G 111 15.84 16.65 -18.20
CA THR G 111 17.27 16.75 -17.93
C THR G 111 17.62 15.81 -16.80
N PHE G 112 18.70 15.05 -16.97
CA PHE G 112 19.25 14.21 -15.92
C PHE G 112 20.60 14.81 -15.59
N THR G 113 20.71 15.41 -14.40
CA THR G 113 21.96 16.04 -13.99
C THR G 113 22.59 15.25 -12.85
N ALA G 114 23.87 14.92 -13.00
CA ALA G 114 24.56 14.12 -11.99
C ALA G 114 24.77 14.97 -10.75
N VAL G 115 24.32 14.47 -9.60
CA VAL G 115 24.45 15.21 -8.34
C VAL G 115 25.33 14.48 -7.34
N GLY G 116 25.75 13.26 -7.64
CA GLY G 116 26.62 12.53 -6.73
C GLY G 116 26.72 11.10 -7.20
N LYS G 117 27.22 10.23 -6.32
CA LYS G 117 27.24 8.80 -6.59
C LYS G 117 27.27 8.06 -5.27
N ASN G 118 26.80 6.82 -5.30
CA ASN G 118 26.88 5.95 -4.14
C ASN G 118 28.34 5.71 -3.82
N THR G 119 28.66 5.66 -2.53
CA THR G 119 30.03 5.34 -2.11
C THR G 119 30.49 4.01 -2.68
N SER G 120 29.57 3.08 -2.96
CA SER G 120 29.96 1.80 -3.56
C SER G 120 30.20 1.90 -5.06
N SER G 121 29.74 3.00 -5.69
CA SER G 121 29.83 3.11 -7.13
C SER G 121 31.21 3.55 -7.59
N LEU G 122 31.60 3.09 -8.76
CA LEU G 122 32.86 3.52 -9.38
C LEU G 122 32.71 4.75 -10.25
N GLY G 123 31.52 5.34 -10.37
CA GLY G 123 31.41 6.49 -11.24
C GLY G 123 30.06 7.17 -11.20
N TYR G 124 29.87 8.08 -12.17
CA TYR G 124 28.75 9.02 -12.17
C TYR G 124 27.83 8.82 -13.37
N LYS G 125 27.91 7.69 -14.07
CA LYS G 125 27.32 7.58 -15.40
C LYS G 125 25.82 7.24 -15.35
N LEU G 126 25.15 7.52 -16.47
CA LEU G 126 23.73 7.19 -16.63
C LEU G 126 23.51 6.31 -17.86
N PRO G 127 23.43 4.98 -17.68
CA PRO G 127 23.16 4.10 -18.85
C PRO G 127 21.65 3.95 -19.04
N LEU G 128 21.03 4.99 -19.59
CA LEU G 128 19.57 5.02 -19.66
C LEU G 128 19.07 4.09 -20.77
N ASP G 129 18.10 3.24 -20.43
CA ASP G 129 17.54 2.27 -21.35
C ASP G 129 16.24 2.80 -21.96
N TYR G 130 15.36 3.37 -21.13
CA TYR G 130 14.11 3.92 -21.61
C TYR G 130 13.49 4.81 -20.55
N ILE G 131 12.56 5.63 -21.00
CA ILE G 131 11.67 6.38 -20.13
C ILE G 131 10.27 5.85 -20.39
N GLN G 132 9.56 5.44 -19.34
CA GLN G 132 8.23 4.87 -19.50
C GLN G 132 7.23 5.79 -18.81
N LEU G 133 6.25 6.29 -19.58
CA LEU G 133 5.18 7.15 -19.08
C LEU G 133 3.93 6.29 -18.92
N VAL G 134 3.52 6.06 -17.67
CA VAL G 134 2.41 5.16 -17.37
C VAL G 134 1.21 6.02 -17.02
N SER G 135 0.20 5.98 -17.87
CA SER G 135 -1.00 6.80 -17.70
C SER G 135 -1.80 6.35 -16.48
N ALA G 136 -2.30 7.33 -15.73
CA ALA G 136 -2.86 7.11 -14.39
C ALA G 136 -4.12 6.24 -14.37
N ALA H 4 -54.41 5.45 -11.09
CA ALA H 4 -53.07 5.18 -10.58
C ALA H 4 -52.78 3.68 -10.59
N VAL H 5 -51.75 3.29 -11.34
CA VAL H 5 -51.31 1.91 -11.40
C VAL H 5 -49.88 1.79 -10.88
N SER H 6 -49.60 0.68 -10.20
CA SER H 6 -48.24 0.42 -9.71
C SER H 6 -47.31 0.20 -10.89
N THR H 7 -46.05 0.61 -10.74
CA THR H 7 -45.08 0.41 -11.80
C THR H 7 -43.70 0.12 -11.22
N ARG H 8 -42.94 -0.72 -11.92
CA ARG H 8 -41.53 -0.90 -11.60
C ARG H 8 -40.70 -0.22 -12.69
N LEU H 9 -39.81 0.67 -12.29
CA LEU H 9 -38.97 1.43 -13.21
C LEU H 9 -37.53 0.95 -12.98
N GLU H 10 -36.97 0.28 -13.98
CA GLU H 10 -35.61 -0.25 -13.84
C GLU H 10 -34.59 0.89 -13.80
N ALA H 11 -33.63 0.80 -12.88
CA ALA H 11 -32.68 1.90 -12.73
C ALA H 11 -31.81 2.05 -13.96
N GLU H 12 -31.50 0.94 -14.64
CA GLU H 12 -30.70 0.94 -15.85
C GLU H 12 -31.46 1.53 -17.04
N ALA H 13 -32.79 1.57 -16.98
CA ALA H 13 -33.59 2.13 -18.07
C ALA H 13 -33.97 3.59 -17.85
N LEU H 14 -34.18 3.98 -16.59
CA LEU H 14 -34.42 5.39 -16.28
C LEU H 14 -33.26 6.27 -16.73
N THR H 15 -33.59 7.51 -17.07
CA THR H 15 -32.56 8.53 -17.26
C THR H 15 -32.00 8.93 -15.91
N ALA H 16 -30.67 8.89 -15.81
CA ALA H 16 -29.95 9.21 -14.58
C ALA H 16 -28.79 10.14 -14.92
N SER H 17 -28.35 10.91 -13.91
CA SER H 17 -27.27 11.86 -14.11
C SER H 17 -25.89 11.19 -14.25
N SER H 18 -25.73 9.97 -13.77
CA SER H 18 -24.47 9.23 -13.93
C SER H 18 -24.79 7.76 -13.70
N GLY H 19 -23.77 6.97 -13.31
CA GLY H 19 -24.00 5.58 -12.94
C GLY H 19 -23.76 4.58 -14.06
N VAL H 20 -23.17 3.43 -13.72
CA VAL H 20 -22.71 2.47 -14.72
C VAL H 20 -23.69 1.29 -14.77
N ILE H 21 -24.14 0.94 -15.97
CA ILE H 21 -25.08 -0.16 -16.14
C ILE H 21 -24.30 -1.46 -16.14
N LYS H 22 -24.74 -2.42 -15.32
CA LYS H 22 -24.04 -3.68 -15.11
C LYS H 22 -25.05 -4.81 -15.18
N SER H 23 -24.59 -6.01 -15.56
CA SER H 23 -25.46 -7.19 -15.59
C SER H 23 -25.36 -7.97 -14.30
N ASN H 24 -26.45 -8.62 -13.90
CA ASN H 24 -26.44 -9.52 -12.75
C ASN H 24 -27.68 -10.40 -12.85
N ALA H 25 -27.46 -11.72 -12.80
CA ALA H 25 -28.55 -12.67 -12.97
C ALA H 25 -29.59 -12.60 -11.86
N ASP H 26 -29.26 -11.97 -10.72
CA ASP H 26 -30.26 -11.82 -9.67
C ASP H 26 -30.88 -10.43 -9.62
N ALA H 27 -30.57 -9.57 -10.58
CA ALA H 27 -31.16 -8.25 -10.62
C ALA H 27 -32.45 -8.25 -11.44
N SER H 28 -33.38 -7.39 -11.03
CA SER H 28 -34.58 -7.19 -11.83
C SER H 28 -34.18 -6.75 -13.23
N GLY H 29 -34.75 -7.39 -14.25
CA GLY H 29 -34.33 -7.08 -15.62
C GLY H 29 -32.94 -7.54 -15.96
N GLY H 30 -32.28 -8.28 -15.08
CA GLY H 30 -30.93 -8.73 -15.34
C GLY H 30 -29.86 -7.68 -15.28
N GLN H 31 -30.19 -6.45 -14.87
CA GLN H 31 -29.24 -5.36 -14.85
C GLN H 31 -29.51 -4.43 -13.69
N TYR H 32 -28.51 -3.61 -13.37
CA TYR H 32 -28.62 -2.57 -12.36
C TYR H 32 -27.72 -1.41 -12.78
N ARG H 33 -27.84 -0.30 -12.06
CA ARG H 33 -27.05 0.90 -12.32
C ARG H 33 -26.32 1.28 -11.04
N ILE H 34 -25.00 1.19 -11.04
CA ILE H 34 -24.25 1.44 -9.82
C ILE H 34 -23.69 2.86 -9.86
N PHE H 35 -24.03 3.64 -8.84
CA PHE H 35 -23.47 4.96 -8.62
C PHE H 35 -22.25 4.78 -7.75
N ASN H 36 -21.06 5.06 -8.31
CA ASN H 36 -19.78 4.78 -7.67
C ASN H 36 -19.33 5.96 -6.81
N ALA H 37 -20.16 6.30 -5.83
CA ALA H 37 -19.79 7.32 -4.86
C ALA H 37 -18.62 6.83 -4.02
N TYR H 38 -17.73 7.75 -3.67
CA TYR H 38 -16.63 7.41 -2.78
C TYR H 38 -16.67 8.19 -1.47
N GLY H 39 -17.72 8.97 -1.24
CA GLY H 39 -17.82 9.69 0.02
C GLY H 39 -19.13 10.44 0.05
N VAL H 40 -19.33 11.22 1.13
CA VAL H 40 -20.60 11.91 1.31
C VAL H 40 -20.69 13.14 0.40
N ALA H 41 -21.90 13.66 0.27
CA ALA H 41 -22.25 14.81 -0.57
C ALA H 41 -22.06 14.53 -2.06
N GLU H 42 -22.12 13.27 -2.46
CA GLU H 42 -22.13 12.88 -3.86
C GLU H 42 -23.53 12.34 -4.17
N GLN H 43 -24.09 12.69 -5.31
CA GLN H 43 -25.48 12.32 -5.57
C GLN H 43 -25.69 11.86 -7.00
N ILE H 44 -26.76 11.08 -7.18
CA ILE H 44 -27.26 10.67 -8.49
C ILE H 44 -28.74 11.04 -8.59
N ASP H 45 -29.12 11.68 -9.71
CA ASP H 45 -30.49 12.07 -10.00
C ASP H 45 -31.11 11.12 -11.01
N TYR H 46 -32.33 10.67 -10.72
CA TYR H 46 -33.14 9.85 -11.62
C TYR H 46 -34.40 10.62 -11.98
N ALA H 47 -34.77 10.61 -13.26
CA ALA H 47 -36.03 11.20 -13.71
C ALA H 47 -37.12 10.13 -13.62
N VAL H 48 -38.06 10.32 -12.70
CA VAL H 48 -39.05 9.31 -12.34
C VAL H 48 -40.41 9.79 -12.85
N PRO H 49 -41.01 9.10 -13.82
CA PRO H 49 -42.31 9.54 -14.33
C PRO H 49 -43.48 9.03 -13.48
N VAL H 50 -44.47 9.90 -13.31
CA VAL H 50 -45.71 9.60 -12.59
C VAL H 50 -46.83 9.93 -13.55
N SER H 51 -47.38 8.91 -14.22
CA SER H 51 -48.38 9.21 -15.24
C SER H 51 -49.73 9.55 -14.61
N HIS H 52 -50.00 9.06 -13.40
CA HIS H 52 -51.25 9.32 -12.71
C HIS H 52 -50.96 9.76 -11.27
N ALA H 53 -51.46 10.94 -10.89
CA ALA H 53 -51.24 11.42 -9.53
C ALA H 53 -51.82 10.44 -8.53
N GLY H 54 -51.19 10.32 -7.38
CA GLY H 54 -51.76 9.49 -6.33
C GLY H 54 -50.75 9.19 -5.26
N ALA H 55 -51.22 8.47 -4.24
CA ALA H 55 -50.36 8.01 -3.15
C ALA H 55 -49.69 6.71 -3.57
N TYR H 56 -48.37 6.64 -3.40
CA TYR H 56 -47.62 5.45 -3.76
C TYR H 56 -46.63 5.12 -2.65
N ASP H 57 -46.49 3.84 -2.32
CA ASP H 57 -45.35 3.42 -1.52
C ASP H 57 -44.11 3.40 -2.41
N LEU H 58 -43.02 4.00 -1.93
CA LEU H 58 -41.78 4.07 -2.67
C LEU H 58 -40.90 2.92 -2.21
N VAL H 59 -40.70 1.94 -3.08
CA VAL H 59 -39.90 0.76 -2.79
C VAL H 59 -38.62 0.84 -3.61
N LEU H 60 -37.48 0.64 -2.97
CA LEU H 60 -36.20 0.61 -3.65
C LEU H 60 -35.68 -0.82 -3.66
N GLY H 61 -35.30 -1.29 -4.82
CA GLY H 61 -34.53 -2.52 -4.95
C GLY H 61 -33.09 -2.16 -5.29
N THR H 62 -32.15 -2.75 -4.55
CA THR H 62 -30.73 -2.56 -4.84
C THR H 62 -30.06 -3.92 -4.82
N MET H 63 -28.82 -3.97 -5.30
CA MET H 63 -28.03 -5.17 -5.11
C MET H 63 -27.42 -5.16 -3.70
N ARG H 64 -27.12 -6.35 -3.18
CA ARG H 64 -26.46 -6.47 -1.89
C ARG H 64 -24.97 -6.63 -2.16
N PHE H 65 -24.23 -5.52 -2.06
CA PHE H 65 -22.79 -5.54 -2.19
C PHE H 65 -22.19 -5.00 -0.89
N SER H 66 -20.95 -5.39 -0.61
CA SER H 66 -20.36 -5.06 0.68
C SER H 66 -19.86 -3.62 0.77
N ASP H 67 -19.96 -2.84 -0.31
CA ASP H 67 -19.61 -1.42 -0.26
C ASP H 67 -20.84 -0.51 -0.46
N ASN H 68 -22.03 -0.98 -0.10
CA ASN H 68 -23.23 -0.14 -0.17
C ASN H 68 -23.18 0.95 0.89
N GLY H 69 -23.55 2.18 0.48
CA GLY H 69 -23.59 3.30 1.38
C GLY H 69 -24.96 3.54 1.98
N THR H 70 -25.07 4.68 2.68
CA THR H 70 -26.31 5.16 3.28
C THR H 70 -26.74 6.42 2.55
N TYR H 71 -28.00 6.45 2.13
CA TYR H 71 -28.51 7.47 1.20
C TYR H 71 -29.74 8.17 1.75
N GLN H 72 -29.83 9.45 1.43
CA GLN H 72 -31.00 10.29 1.67
C GLN H 72 -31.68 10.54 0.34
N LEU H 73 -32.98 10.21 0.29
CA LEU H 73 -33.79 10.54 -0.88
C LEU H 73 -34.23 11.99 -0.83
N GLN H 74 -34.15 12.67 -1.97
CA GLN H 74 -34.85 13.92 -2.19
C GLN H 74 -35.77 13.76 -3.39
N ILE H 75 -36.94 14.39 -3.32
CA ILE H 75 -37.85 14.47 -4.46
C ILE H 75 -38.03 15.94 -4.79
N ASP H 76 -37.84 16.27 -6.07
CA ASP H 76 -37.87 17.66 -6.54
C ASP H 76 -37.03 18.57 -5.66
N GLY H 77 -35.92 18.03 -5.17
CA GLY H 77 -34.94 18.83 -4.46
C GLY H 77 -35.12 18.96 -2.97
N ASN H 78 -36.10 18.28 -2.33
CA ASN H 78 -36.20 18.32 -0.89
C ASN H 78 -36.25 16.93 -0.29
N ASP H 79 -35.72 16.79 0.94
CA ASP H 79 -35.64 15.51 1.64
C ASP H 79 -36.99 14.83 1.76
N VAL H 80 -37.03 13.53 1.48
CA VAL H 80 -38.19 12.69 1.73
C VAL H 80 -37.73 11.45 2.48
N GLY H 81 -38.28 11.23 3.68
CA GLY H 81 -37.98 10.03 4.44
C GLY H 81 -36.68 10.11 5.21
N ALA H 82 -36.42 9.07 5.98
CA ALA H 82 -35.18 8.99 6.71
C ALA H 82 -34.09 8.41 5.81
N PRO H 83 -32.82 8.66 6.14
CA PRO H 83 -31.74 8.02 5.38
C PRO H 83 -31.89 6.51 5.41
N VAL H 84 -31.54 5.87 4.29
CA VAL H 84 -31.65 4.43 4.14
C VAL H 84 -30.24 3.84 4.06
N ASP H 85 -29.87 3.02 5.05
CA ASP H 85 -28.59 2.32 5.06
C ASP H 85 -28.74 1.02 4.26
N LEU H 86 -28.03 0.94 3.14
CA LEU H 86 -28.23 -0.19 2.23
C LEU H 86 -27.23 -1.31 2.45
N PHE H 87 -26.45 -1.27 3.54
CA PHE H 87 -25.58 -2.39 3.85
C PHE H 87 -26.39 -3.52 4.48
N ARG H 88 -26.19 -4.74 3.99
CA ARG H 88 -26.69 -5.95 4.62
C ARG H 88 -25.55 -6.98 4.64
N PRO H 89 -25.54 -7.88 5.63
CA PRO H 89 -24.43 -8.85 5.70
C PRO H 89 -24.52 -9.96 4.68
N SER H 90 -25.70 -10.26 4.13
CA SER H 90 -25.81 -11.38 3.19
C SER H 90 -26.99 -11.11 2.27
N GLY H 91 -27.16 -11.99 1.28
CA GLY H 91 -28.26 -11.91 0.34
C GLY H 91 -27.78 -11.45 -1.02
N LYS H 92 -28.67 -11.59 -2.00
CA LYS H 92 -28.41 -11.12 -3.37
C LYS H 92 -28.86 -9.69 -3.56
N VAL H 93 -29.97 -9.29 -2.93
CA VAL H 93 -30.57 -7.98 -3.16
C VAL H 93 -30.99 -7.43 -1.81
N VAL H 94 -31.28 -6.12 -1.82
CA VAL H 94 -31.79 -5.40 -0.66
C VAL H 94 -33.05 -4.65 -1.10
N VAL H 95 -34.14 -4.81 -0.38
CA VAL H 95 -35.39 -4.15 -0.74
C VAL H 95 -35.84 -3.34 0.46
N VAL H 96 -36.12 -2.05 0.25
CA VAL H 96 -36.51 -1.16 1.34
C VAL H 96 -37.77 -0.38 0.93
N ASP H 97 -38.71 -0.28 1.86
CA ASP H 97 -39.96 0.43 1.66
C ASP H 97 -39.82 1.76 2.39
N LEU H 98 -39.83 2.86 1.64
CA LEU H 98 -39.68 4.18 2.25
C LEU H 98 -41.00 4.75 2.75
N GLY H 99 -42.10 4.09 2.49
CA GLY H 99 -43.38 4.60 2.91
C GLY H 99 -44.11 5.33 1.79
N SER H 100 -45.28 5.85 2.12
CA SER H 100 -46.15 6.42 1.11
C SER H 100 -45.74 7.86 0.83
N VAL H 101 -45.81 8.26 -0.44
CA VAL H 101 -45.71 9.69 -0.70
C VAL H 101 -46.77 9.96 -1.76
N THR H 102 -47.44 11.10 -1.70
CA THR H 102 -48.48 11.45 -2.66
C THR H 102 -47.84 12.31 -3.76
N LEU H 103 -47.76 11.74 -4.96
CA LEU H 103 -47.05 12.32 -6.07
C LEU H 103 -48.04 12.94 -7.05
N SER H 104 -47.78 14.19 -7.41
CA SER H 104 -48.52 14.80 -8.51
C SER H 104 -48.03 14.22 -9.84
N ALA H 105 -48.89 14.30 -10.86
CA ALA H 105 -48.52 13.75 -12.16
C ALA H 105 -47.40 14.57 -12.78
N GLY H 106 -46.47 13.90 -13.44
CA GLY H 106 -45.34 14.57 -14.05
C GLY H 106 -44.06 13.79 -13.83
N VAL H 107 -42.95 14.27 -14.38
CA VAL H 107 -41.65 13.64 -14.13
C VAL H 107 -41.02 14.35 -12.94
N HIS H 108 -40.74 13.58 -11.88
CA HIS H 108 -40.14 14.11 -10.66
C HIS H 108 -38.69 13.65 -10.57
N GLU H 109 -37.82 14.55 -10.14
CA GLU H 109 -36.42 14.19 -9.90
C GLU H 109 -36.30 13.48 -8.56
N PHE H 110 -35.87 12.22 -8.57
CA PHE H 110 -35.50 11.49 -7.36
C PHE H 110 -33.98 11.57 -7.26
N THR H 111 -33.50 12.25 -6.24
CA THR H 111 -32.07 12.36 -5.96
C THR H 111 -31.71 11.42 -4.82
N PHE H 112 -30.63 10.67 -5.00
CA PHE H 112 -30.07 9.82 -3.96
C PHE H 112 -28.71 10.42 -3.62
N THR H 113 -28.62 11.03 -2.43
CA THR H 113 -27.36 11.65 -2.02
C THR H 113 -26.74 10.85 -0.88
N ALA H 114 -25.46 10.52 -1.03
CA ALA H 114 -24.76 9.73 -0.03
C ALA H 114 -24.55 10.56 1.22
N VAL H 115 -25.01 10.08 2.37
CA VAL H 115 -24.87 10.82 3.63
C VAL H 115 -23.99 10.09 4.62
N GLY H 116 -23.56 8.87 4.32
CA GLY H 116 -22.69 8.14 5.22
C GLY H 116 -22.60 6.70 4.76
N LYS H 117 -22.12 5.84 5.66
CA LYS H 117 -22.10 4.41 5.38
C LYS H 117 -22.07 3.67 6.71
N ASN H 118 -22.54 2.43 6.68
CA ASN H 118 -22.45 1.56 7.83
C ASN H 118 -20.98 1.33 8.15
N THR H 119 -20.66 1.28 9.45
CA THR H 119 -19.30 0.96 9.86
C THR H 119 -18.83 -0.38 9.30
N SER H 120 -19.76 -1.33 9.03
CA SER H 120 -19.37 -2.60 8.42
C SER H 120 -19.13 -2.49 6.92
N SER H 121 -19.58 -1.41 6.28
CA SER H 121 -19.50 -1.30 4.84
C SER H 121 -18.12 -0.84 4.38
N LEU H 122 -17.72 -1.30 3.20
CA LEU H 122 -16.47 -0.87 2.60
C LEU H 122 -16.61 0.37 1.73
N GLY H 123 -17.80 0.95 1.60
CA GLY H 123 -17.93 2.09 0.70
C GLY H 123 -19.27 2.78 0.78
N TYR H 124 -19.46 3.69 -0.18
CA TYR H 124 -20.58 4.62 -0.19
C TYR H 124 -21.51 4.42 -1.38
N LYS H 125 -21.41 3.29 -2.10
CA LYS H 125 -22.01 3.18 -3.43
C LYS H 125 -23.50 2.85 -3.38
N LEU H 126 -24.17 3.11 -4.50
CA LEU H 126 -25.60 2.78 -4.65
C LEU H 126 -25.82 1.92 -5.89
N PRO H 127 -25.89 0.60 -5.73
CA PRO H 127 -26.17 -0.30 -6.88
C PRO H 127 -27.68 -0.45 -7.07
N LEU H 128 -28.30 0.60 -7.61
CA LEU H 128 -29.76 0.63 -7.69
C LEU H 128 -30.26 -0.31 -8.79
N ASP H 129 -31.23 -1.15 -8.45
CA ASP H 129 -31.79 -2.12 -9.37
C ASP H 129 -33.09 -1.59 -9.98
N TYR H 130 -33.97 -1.03 -9.15
CA TYR H 130 -35.23 -0.48 -9.64
C TYR H 130 -35.84 0.41 -8.58
N ILE H 131 -36.77 1.25 -9.02
CA ILE H 131 -37.66 1.99 -8.14
C ILE H 131 -39.06 1.48 -8.41
N GLN H 132 -39.77 1.08 -7.36
CA GLN H 132 -41.09 0.49 -7.53
C GLN H 132 -42.10 1.40 -6.84
N LEU H 133 -43.08 1.89 -7.62
CA LEU H 133 -44.15 2.76 -7.12
C LEU H 133 -45.39 1.89 -6.93
N VAL H 134 -45.80 1.69 -5.68
CA VAL H 134 -46.88 0.76 -5.36
C VAL H 134 -48.10 1.58 -5.03
N SER H 135 -49.11 1.50 -5.90
CA SER H 135 -50.34 2.28 -5.76
C SER H 135 -51.10 1.89 -4.49
N ALA H 136 -51.62 2.89 -3.79
CA ALA H 136 -52.23 2.73 -2.47
C ALA H 136 -53.45 1.79 -2.45
C1 GOL I . -13.61 -14.07 3.05
O1 GOL I . -13.62 -15.47 2.91
C2 GOL I . -14.88 -13.47 2.38
O2 GOL I . -16.06 -13.76 3.07
C3 GOL I . -14.61 -11.95 2.30
O3 GOL I . -14.19 -11.66 0.99
CA CA J . -17.60 0.66 22.03
S SO4 K . -28.28 2.68 28.14
O1 SO4 K . -26.90 2.73 27.69
O2 SO4 K . -28.68 1.29 28.37
O3 SO4 K . -28.40 3.43 29.40
O4 SO4 K . -29.17 3.25 27.13
C1 GOL L . 40.54 -12.58 -2.17
O1 GOL L . 41.65 -13.39 -2.02
C2 GOL L . 40.24 -12.46 -3.68
O2 GOL L . 40.07 -13.72 -4.30
C3 GOL L . 38.94 -11.57 -3.75
O3 GOL L . 38.63 -11.33 -5.12
C1 GOL M . 35.61 -9.65 -8.94
O1 GOL M . 35.52 -11.05 -9.03
C2 GOL M . 34.35 -9.04 -9.65
O2 GOL M . 33.15 -9.32 -8.99
C3 GOL M . 34.64 -7.51 -9.71
O3 GOL M . 35.23 -7.25 -10.96
CA CA N . 31.74 5.06 10.04
S SO4 O . 21.04 7.03 16.17
O1 SO4 O . 22.48 6.82 16.03
O2 SO4 O . 20.35 5.74 16.26
O3 SO4 O . 20.80 7.79 17.40
O4 SO4 O . 20.55 7.78 15.02
C1 GOL P . -8.78 -16.97 9.79
O1 GOL P . -7.68 -17.81 9.95
C2 GOL P . -9.09 -16.85 8.28
O2 GOL P . -9.28 -18.10 7.67
C3 GOL P . -10.37 -15.95 8.23
O3 GOL P . -10.69 -15.71 6.85
C1 GOL Q . 24.57 -27.15 11.70
O1 GOL Q . 23.22 -26.85 11.97
C2 GOL Q . 24.64 -27.57 10.20
O2 GOL Q . 24.36 -26.52 9.33
C3 GOL Q . 26.03 -28.27 9.96
O3 GOL Q . 27.05 -27.46 10.50
C1 GOL R . 25.04 -38.78 1.77
O1 GOL R . 26.26 -39.33 1.42
C2 GOL R . 23.94 -39.49 0.96
O2 GOL R . 23.01 -40.14 1.80
C3 GOL R . 23.31 -38.36 0.13
O3 GOL R . 22.99 -38.89 -1.11
CA CA S . 7.25 -33.06 -1.06
S SO4 T . 12.35 -32.91 -12.45
O1 SO4 T . 13.44 -32.01 -12.82
O2 SO4 T . 12.53 -34.21 -13.12
O3 SO4 T . 12.37 -33.12 -11.02
O4 SO4 T . 11.06 -32.34 -12.86
C1 GOL U . 6.08 14.47 31.31
O1 GOL U . 7.38 14.95 31.63
C2 GOL U . 5.06 15.57 31.73
O2 GOL U . 4.31 16.02 30.65
C3 GOL U . 4.19 14.91 32.84
O3 GOL U . 3.38 15.90 33.41
CA CA V . -12.53 9.48 20.25
S SO4 W . -7.45 9.62 8.82
O1 SO4 W . -6.34 10.54 8.56
O2 SO4 W . -7.24 8.37 8.11
O3 SO4 W . -7.48 9.32 10.25
O4 SO4 W . -8.72 10.23 8.41
CA CA X . 9.40 -5.85 -28.66
S SO4 Y . 6.67 -16.35 -13.98
O1 SO4 Y . 6.55 -15.72 -15.31
O2 SO4 Y . 7.78 -17.30 -13.98
O3 SO4 Y . 5.44 -17.06 -13.65
O4 SO4 Y . 6.89 -15.30 -12.98
S SO4 Z . -0.69 -6.63 -13.30
O1 SO4 Z . 0.75 -6.61 -12.95
O2 SO4 Z . -1.14 -7.98 -13.63
O3 SO4 Z . -1.44 -6.14 -12.15
O4 SO4 Z . -0.92 -5.77 -14.47
CA CA AA . -10.38 36.69 -7.35
S SO4 BA . -20.53 35.90 7.77
O1 SO4 BA . -19.12 36.12 8.10
O2 SO4 BA . -20.71 34.63 7.07
O3 SO4 BA . -21.29 35.85 9.01
O4 SO4 BA . -21.00 36.98 6.91
C1 GOL CA . 30.28 1.90 -18.35
O1 GOL CA . 31.46 2.61 -18.13
C2 GOL CA . 30.53 0.41 -17.98
O2 GOL CA . 30.45 0.19 -16.60
C3 GOL CA . 29.45 -0.38 -18.75
O3 GOL CA . 30.08 -1.14 -19.74
CA CA DA . 16.55 0.79 -24.75
S SO4 EA . 27.99 -1.78 -28.83
O1 SO4 EA . 28.43 -0.81 -29.84
O2 SO4 EA . 28.80 -2.99 -28.87
O3 SO4 EA . 28.10 -1.22 -27.50
O4 SO4 EA . 26.60 -2.09 -29.07
C1 GOL FA . -26.43 -14.97 -1.05
O1 GOL FA . -26.68 -15.50 0.21
C2 GOL FA . -25.38 -13.89 -0.81
O2 GOL FA . -24.81 -14.00 0.48
C3 GOL FA . -24.36 -14.01 -1.98
O3 GOL FA . -24.35 -12.78 -2.71
CA CA GA . -32.78 -3.61 -12.79
S SO4 HA . -21.31 -6.09 -16.96
O1 SO4 HA . -20.37 -7.21 -17.01
O2 SO4 HA . -21.18 -5.20 -18.11
O3 SO4 HA . -21.07 -5.37 -15.72
O4 SO4 HA . -22.67 -6.59 -16.92
#